data_3UOW
#
_entry.id   3UOW
#
_cell.length_a   43.158
_cell.length_b   67.760
_cell.length_c   99.825
_cell.angle_alpha   103.070
_cell.angle_beta   99.360
_cell.angle_gamma   94.330
#
_symmetry.space_group_name_H-M   'P 1'
#
loop_
_entity.id
_entity.type
_entity.pdbx_description
1 polymer 'GMP synthetase'
2 non-polymer "XANTHOSINE-5'-MONOPHOSPHATE"
3 non-polymer 'CALCIUM ION'
4 water water
#
_entity_poly.entity_id   1
_entity_poly.type   'polypeptide(L)'
_entity_poly.pdbx_seq_one_letter_code
;GMEGEEYDKILVLNFGSQYFHLIVKRLNNIKIFSETKDYGVELKDIKDMNIKGVILSGGPYSVTEAGSPHLKKEVFEYFL
EKKIPIFGICYGMQEIAVQMNGEVKKSKTSEYGCTDVNILRNDNINNITYCRNFGDSSSAMDLYSNYKLMNETCCLFENI
KSDITTVWMNHNDEVTKIPENFYLVSSSENCLICSIYNKEYNIYGVQYHPEVYESLDGELMFYNFAYNICKCKKQFDPIR
YHELELKNIEKYKHDHYVIAAMSGGIDSTVAAAYTHKIFKERFFGIFIDNGLLRKNEAENVYTFLKSTFPDMNITKIDAS
ENFLSNLQGVTDPEQKRKIIGKLFIEEFEKAVNNIDIDINKTFLLQGTLYPDIIESKCSKNLSDTIKTHHNVGGLPKNLK
FKLFEPFKYLFKDDVKTLSRELNLPEEITNRHPFPGPGLAIRVIGEINKHKLNILREVDDIFINDLKQYGLYNQISQAFA
VLLSSKSVGVRGDARSYDYVCVLRAVKTSSFMTANWYQIPYDILDKITTRILSEVKGVNRILYDVSSKPPATIEFE
;
_entity_poly.pdbx_strand_id   A,B
#
# COMPACT_ATOMS: atom_id res chain seq x y z
N TYR A 7 -45.54 -3.05 -11.42
CA TYR A 7 -46.92 -2.47 -11.32
C TYR A 7 -46.94 -1.21 -10.46
N ASP A 8 -46.86 -1.40 -9.13
CA ASP A 8 -46.83 -0.28 -8.20
C ASP A 8 -45.39 0.13 -7.92
N LYS A 9 -44.93 1.12 -8.66
CA LYS A 9 -43.53 1.51 -8.68
C LYS A 9 -43.19 2.71 -7.80
N ILE A 10 -42.02 2.64 -7.17
CA ILE A 10 -41.44 3.76 -6.45
C ILE A 10 -40.42 4.44 -7.34
N LEU A 11 -40.53 5.77 -7.47
CA LEU A 11 -39.52 6.55 -8.19
C LEU A 11 -38.34 6.85 -7.28
N VAL A 12 -37.16 6.37 -7.67
CA VAL A 12 -35.95 6.62 -6.90
C VAL A 12 -35.04 7.60 -7.65
N LEU A 13 -34.81 8.77 -7.03
CA LEU A 13 -34.09 9.86 -7.69
C LEU A 13 -32.65 9.99 -7.23
N ASN A 14 -31.77 10.23 -8.20
CA ASN A 14 -30.32 10.23 -7.98
C ASN A 14 -29.76 11.63 -7.75
N PHE A 15 -29.21 11.84 -6.56
CA PHE A 15 -28.54 13.09 -6.24
C PHE A 15 -27.02 12.95 -6.22
N GLY A 16 -26.53 11.82 -6.72
CA GLY A 16 -25.09 11.56 -6.83
C GLY A 16 -24.54 10.60 -5.78
N SER A 17 -25.44 9.94 -5.06
CA SER A 17 -25.06 9.09 -3.91
C SER A 17 -24.17 7.91 -4.28
N GLN A 18 -23.20 7.62 -3.41
CA GLN A 18 -22.34 6.44 -3.56
C GLN A 18 -23.08 5.16 -3.16
N TYR A 19 -24.26 5.34 -2.57
CA TYR A 19 -25.07 4.25 -2.06
C TYR A 19 -26.38 4.07 -2.84
N PHE A 20 -26.46 4.66 -4.03
CA PHE A 20 -27.70 4.65 -4.83
C PHE A 20 -28.17 3.25 -5.22
N HIS A 21 -27.22 2.38 -5.58
CA HIS A 21 -27.52 1.01 -5.95
C HIS A 21 -28.13 0.23 -4.76
N LEU A 22 -27.71 0.60 -3.55
CA LEU A 22 -28.20 -0.06 -2.32
C LEU A 22 -29.68 0.21 -1.99
N ILE A 23 -30.19 1.41 -2.32
CA ILE A 23 -31.63 1.68 -2.17
C ILE A 23 -32.43 0.88 -3.19
N VAL A 24 -31.99 0.90 -4.44
CA VAL A 24 -32.56 0.06 -5.51
C VAL A 24 -32.52 -1.43 -5.14
N LYS A 25 -31.43 -1.84 -4.49
CA LYS A 25 -31.27 -3.22 -4.03
C LYS A 25 -32.30 -3.57 -2.98
N ARG A 26 -32.50 -2.67 -2.01
CA ARG A 26 -33.46 -2.87 -0.92
C ARG A 26 -34.91 -2.93 -1.41
N LEU A 27 -35.20 -2.19 -2.48
CA LEU A 27 -36.51 -2.26 -3.14
C LEU A 27 -36.70 -3.59 -3.86
N ASN A 28 -35.60 -4.17 -4.35
CA ASN A 28 -35.62 -5.51 -4.95
C ASN A 28 -35.82 -6.61 -3.92
N ASN A 29 -35.16 -6.48 -2.76
CA ASN A 29 -35.33 -7.41 -1.65
C ASN A 29 -36.76 -7.41 -1.11
N ILE A 30 -37.39 -6.24 -1.17
CA ILE A 30 -38.73 -6.05 -0.63
C ILE A 30 -39.81 -6.15 -1.73
N LYS A 31 -39.42 -6.70 -2.88
CA LYS A 31 -40.32 -7.00 -4.01
C LYS A 31 -41.12 -5.79 -4.55
N ILE A 32 -40.45 -4.65 -4.68
CA ILE A 32 -41.06 -3.42 -5.21
C ILE A 32 -40.28 -2.92 -6.43
N PHE A 33 -41.01 -2.55 -7.49
CA PHE A 33 -40.41 -2.11 -8.75
C PHE A 33 -39.77 -0.72 -8.64
N SER A 34 -38.46 -0.67 -8.85
CA SER A 34 -37.71 0.59 -8.80
C SER A 34 -37.73 1.28 -10.16
N GLU A 35 -37.74 2.60 -10.14
CA GLU A 35 -37.68 3.40 -11.35
C GLU A 35 -36.64 4.50 -11.16
N THR A 36 -35.42 4.21 -11.59
CA THR A 36 -34.26 5.07 -11.36
C THR A 36 -34.18 6.22 -12.35
N LYS A 37 -33.99 7.43 -11.84
CA LYS A 37 -33.83 8.63 -12.66
C LYS A 37 -33.02 9.69 -11.93
N ASP A 38 -32.43 10.62 -12.69
CA ASP A 38 -31.68 11.73 -12.11
C ASP A 38 -32.60 12.78 -11.47
N TYR A 39 -32.02 13.60 -10.60
CA TYR A 39 -32.74 14.66 -9.90
C TYR A 39 -33.43 15.67 -10.83
N GLY A 40 -32.83 15.89 -12.00
CA GLY A 40 -33.33 16.87 -12.96
C GLY A 40 -34.45 16.37 -13.86
N VAL A 41 -35.08 15.27 -13.46
CA VAL A 41 -36.19 14.69 -14.22
C VAL A 41 -37.30 15.71 -14.51
N GLU A 42 -37.86 15.65 -15.72
CA GLU A 42 -38.97 16.51 -16.11
C GLU A 42 -40.32 15.87 -15.74
N LEU A 43 -41.31 16.72 -15.49
CA LEU A 43 -42.66 16.28 -15.12
C LEU A 43 -43.28 15.41 -16.23
N LYS A 44 -42.99 15.78 -17.48
CA LYS A 44 -43.51 15.07 -18.66
C LYS A 44 -43.14 13.59 -18.70
N ASP A 45 -41.97 13.26 -18.13
CA ASP A 45 -41.45 11.89 -18.15
C ASP A 45 -41.97 11.01 -17.00
N ILE A 46 -42.72 11.61 -16.06
CA ILE A 46 -43.20 10.87 -14.88
C ILE A 46 -44.72 10.89 -14.69
N LYS A 47 -45.37 11.95 -15.17
CA LYS A 47 -46.83 12.17 -14.99
C LYS A 47 -47.69 10.99 -15.45
N ASP A 48 -47.25 10.28 -16.49
CA ASP A 48 -48.02 9.17 -17.07
C ASP A 48 -47.71 7.81 -16.43
N MET A 49 -46.80 7.79 -15.44
CA MET A 49 -46.38 6.54 -14.80
C MET A 49 -47.13 6.25 -13.50
N ASN A 50 -47.14 4.99 -13.09
CA ASN A 50 -47.87 4.55 -11.89
C ASN A 50 -47.02 4.70 -10.61
N ILE A 51 -46.55 5.92 -10.37
CA ILE A 51 -45.68 6.23 -9.22
C ILE A 51 -46.49 6.30 -7.93
N LYS A 52 -46.11 5.45 -6.96
CA LYS A 52 -46.77 5.39 -5.66
C LYS A 52 -45.98 6.11 -4.57
N GLY A 53 -44.76 6.52 -4.92
CA GLY A 53 -43.86 7.19 -3.97
C GLY A 53 -42.54 7.58 -4.60
N VAL A 54 -41.82 8.50 -3.95
CA VAL A 54 -40.51 8.95 -4.45
C VAL A 54 -39.45 8.98 -3.34
N ILE A 55 -38.30 8.37 -3.64
CA ILE A 55 -37.15 8.36 -2.74
C ILE A 55 -36.07 9.29 -3.30
N LEU A 56 -35.64 10.24 -2.47
CA LEU A 56 -34.55 11.14 -2.82
C LEU A 56 -33.26 10.66 -2.16
N SER A 57 -32.24 10.36 -2.97
CA SER A 57 -30.99 9.78 -2.46
C SER A 57 -30.07 10.83 -1.87
N GLY A 58 -28.98 10.37 -1.24
CA GLY A 58 -27.95 11.26 -0.71
C GLY A 58 -27.06 11.79 -1.83
N GLY A 59 -25.95 12.41 -1.44
CA GLY A 59 -25.02 12.94 -2.43
C GLY A 59 -23.77 13.56 -1.83
N PRO A 60 -22.80 13.92 -2.69
CA PRO A 60 -21.54 14.52 -2.26
C PRO A 60 -21.55 16.04 -2.32
N TYR A 61 -22.74 16.63 -2.42
CA TYR A 61 -22.88 18.08 -2.60
C TYR A 61 -23.37 18.78 -1.33
N SER A 62 -23.11 20.08 -1.25
CA SER A 62 -23.62 20.91 -0.16
C SER A 62 -24.75 21.80 -0.69
N VAL A 63 -25.92 21.67 -0.08
CA VAL A 63 -27.15 22.32 -0.57
C VAL A 63 -27.13 23.86 -0.47
N THR A 64 -26.19 24.38 0.33
CA THR A 64 -26.00 25.83 0.47
C THR A 64 -25.40 26.43 -0.80
N GLU A 65 -24.36 25.76 -1.33
CA GLU A 65 -23.54 26.28 -2.43
C GLU A 65 -24.26 26.38 -3.77
N ALA A 66 -23.60 27.01 -4.74
CA ALA A 66 -24.14 27.14 -6.09
C ALA A 66 -23.69 25.98 -6.99
N GLY A 67 -24.58 25.56 -7.88
CA GLY A 67 -24.33 24.42 -8.78
C GLY A 67 -24.82 23.10 -8.21
N SER A 68 -25.34 23.16 -6.98
CA SER A 68 -25.87 21.98 -6.29
C SER A 68 -27.16 21.47 -6.93
N PRO A 69 -27.34 20.14 -6.98
CA PRO A 69 -28.52 19.52 -7.56
C PRO A 69 -29.80 19.81 -6.78
N HIS A 70 -30.85 20.21 -7.50
CA HIS A 70 -32.15 20.48 -6.89
C HIS A 70 -33.29 19.94 -7.76
N LEU A 71 -34.39 19.59 -7.11
CA LEU A 71 -35.62 19.25 -7.82
C LEU A 71 -36.26 20.51 -8.38
N LYS A 72 -36.81 20.42 -9.58
CA LYS A 72 -37.54 21.54 -10.19
C LYS A 72 -38.83 21.77 -9.43
N LYS A 73 -39.17 23.06 -9.25
CA LYS A 73 -40.33 23.46 -8.44
C LYS A 73 -41.61 22.71 -8.83
N GLU A 74 -41.81 22.56 -10.14
CA GLU A 74 -42.98 21.87 -10.68
C GLU A 74 -43.00 20.37 -10.34
N VAL A 75 -41.81 19.76 -10.31
CA VAL A 75 -41.68 18.32 -10.03
C VAL A 75 -42.02 18.02 -8.57
N PHE A 76 -41.49 18.84 -7.67
CA PHE A 76 -41.77 18.71 -6.24
C PHE A 76 -43.23 19.04 -5.93
N GLU A 77 -43.74 20.11 -6.55
CA GLU A 77 -45.15 20.51 -6.41
C GLU A 77 -46.09 19.43 -6.94
N TYR A 78 -45.66 18.72 -7.98
CA TYR A 78 -46.40 17.59 -8.52
C TYR A 78 -46.61 16.51 -7.45
N PHE A 79 -45.55 16.17 -6.72
CA PHE A 79 -45.61 15.13 -5.68
C PHE A 79 -46.64 15.48 -4.59
N LEU A 80 -46.67 16.75 -4.20
CA LEU A 80 -47.58 17.21 -3.15
C LEU A 80 -49.03 17.21 -3.61
N GLU A 81 -49.27 17.72 -4.83
CA GLU A 81 -50.62 17.79 -5.39
C GLU A 81 -51.21 16.41 -5.67
N LYS A 82 -50.40 15.54 -6.27
CA LYS A 82 -50.79 14.16 -6.57
C LYS A 82 -50.89 13.29 -5.31
N LYS A 83 -50.39 13.83 -4.19
CA LYS A 83 -50.44 13.14 -2.90
C LYS A 83 -49.35 12.08 -2.76
N ILE A 84 -48.35 12.13 -3.66
CA ILE A 84 -47.23 11.17 -3.67
C ILE A 84 -46.31 11.38 -2.48
N PRO A 85 -46.19 10.35 -1.60
CA PRO A 85 -45.30 10.40 -0.45
C PRO A 85 -43.84 10.55 -0.85
N ILE A 86 -43.06 11.26 -0.05
CA ILE A 86 -41.64 11.50 -0.34
C ILE A 86 -40.77 10.98 0.81
N PHE A 87 -39.60 10.44 0.45
CA PHE A 87 -38.65 9.90 1.44
C PHE A 87 -37.21 10.31 1.11
N GLY A 88 -36.71 11.31 1.83
CA GLY A 88 -35.39 11.85 1.58
C GLY A 88 -34.33 11.35 2.55
N ILE A 89 -33.25 10.80 2.00
CA ILE A 89 -32.12 10.34 2.81
C ILE A 89 -30.92 11.26 2.61
N CYS A 90 -30.27 11.61 3.72
CA CYS A 90 -29.09 12.49 3.73
C CYS A 90 -29.33 13.79 2.94
N TYR A 91 -28.84 13.85 1.71
CA TYR A 91 -29.03 15.02 0.86
C TYR A 91 -30.51 15.23 0.52
N GLY A 92 -31.22 14.13 0.30
CA GLY A 92 -32.65 14.15 -0.01
C GLY A 92 -33.49 14.82 1.06
N MET A 93 -33.17 14.55 2.32
CA MET A 93 -33.82 15.21 3.46
C MET A 93 -33.57 16.72 3.42
N GLN A 94 -32.32 17.09 3.16
CA GLN A 94 -31.89 18.49 3.12
C GLN A 94 -32.50 19.23 1.93
N GLU A 95 -32.66 18.52 0.81
CA GLU A 95 -33.35 19.06 -0.36
C GLU A 95 -34.79 19.40 0.01
N ILE A 96 -35.48 18.45 0.64
CA ILE A 96 -36.85 18.65 1.16
C ILE A 96 -36.92 19.90 2.06
N ALA A 97 -35.96 20.02 2.97
CA ALA A 97 -35.87 21.15 3.89
C ALA A 97 -35.77 22.46 3.12
N VAL A 98 -34.81 22.54 2.21
CA VAL A 98 -34.56 23.73 1.39
C VAL A 98 -35.77 24.09 0.51
N GLN A 99 -36.45 23.06 0.00
CA GLN A 99 -37.64 23.24 -0.83
C GLN A 99 -38.78 23.91 -0.07
N MET A 100 -38.90 23.60 1.22
CA MET A 100 -40.04 24.09 2.01
C MET A 100 -39.66 24.97 3.20
N ASN A 101 -39.04 26.12 2.92
CA ASN A 101 -38.89 27.18 3.92
C ASN A 101 -37.83 26.91 5.01
N GLY A 102 -37.32 25.68 5.05
CA GLY A 102 -36.36 25.26 6.08
C GLY A 102 -34.95 25.80 5.89
N GLU A 103 -34.07 25.47 6.82
CA GLU A 103 -32.67 25.91 6.76
C GLU A 103 -31.70 24.73 6.91
N VAL A 104 -30.62 24.76 6.13
CA VAL A 104 -29.55 23.76 6.25
C VAL A 104 -28.18 24.46 6.31
N LYS A 105 -27.41 24.15 7.36
CA LYS A 105 -26.05 24.66 7.50
C LYS A 105 -25.06 23.50 7.73
N LYS A 106 -23.76 23.79 7.61
CA LYS A 106 -22.72 22.81 7.92
C LYS A 106 -22.68 22.54 9.43
N SER A 107 -22.60 21.26 9.79
CA SER A 107 -22.61 20.81 11.19
C SER A 107 -21.42 21.35 11.99
N LYS A 108 -21.60 21.44 13.31
CA LYS A 108 -20.50 21.74 14.22
C LYS A 108 -19.58 20.52 14.32
N THR A 109 -20.18 19.33 14.25
CA THR A 109 -19.44 18.07 14.24
C THR A 109 -19.98 17.12 13.15
N SER A 110 -19.11 16.73 12.23
CA SER A 110 -19.49 15.81 11.15
C SER A 110 -19.62 14.38 11.64
N GLU A 111 -20.57 13.65 11.07
CA GLU A 111 -20.83 12.26 11.46
C GLU A 111 -20.50 11.28 10.35
N TYR A 112 -19.81 10.20 10.72
CA TYR A 112 -19.45 9.13 9.80
C TYR A 112 -19.30 7.82 10.57
N GLY A 113 -19.93 6.77 10.06
CA GLY A 113 -19.86 5.45 10.68
C GLY A 113 -21.15 5.07 11.38
N CYS A 114 -21.13 3.90 12.04
CA CYS A 114 -22.28 3.42 12.82
C CYS A 114 -22.56 4.37 13.98
N THR A 115 -23.81 4.83 14.04
CA THR A 115 -24.23 5.78 15.08
C THR A 115 -25.62 5.40 15.58
N ASP A 116 -25.84 5.54 16.89
CA ASP A 116 -27.15 5.29 17.49
C ASP A 116 -27.99 6.55 17.50
N VAL A 117 -29.25 6.42 17.09
CA VAL A 117 -30.19 7.55 17.11
C VAL A 117 -31.46 7.25 17.91
N ASN A 118 -31.92 8.25 18.66
CA ASN A 118 -33.11 8.13 19.48
C ASN A 118 -34.36 8.58 18.75
N ILE A 119 -35.28 7.65 18.50
CA ILE A 119 -36.58 8.01 17.91
C ILE A 119 -37.40 8.81 18.92
N LEU A 120 -37.95 9.94 18.48
CA LEU A 120 -38.61 10.88 19.38
C LEU A 120 -40.11 10.70 19.48
N ARG A 121 -40.62 10.99 20.68
CA ARG A 121 -42.04 10.91 21.00
C ARG A 121 -42.27 11.84 22.21
N ASN A 122 -43.52 12.20 22.46
CA ASN A 122 -43.86 13.08 23.60
C ASN A 122 -43.41 12.52 24.95
N ASP A 123 -43.54 11.21 25.13
CA ASP A 123 -43.13 10.54 26.37
C ASP A 123 -41.67 10.06 26.35
N ASN A 124 -41.12 9.87 25.14
CA ASN A 124 -39.73 9.41 24.97
C ASN A 124 -38.66 10.51 25.14
N ILE A 125 -39.11 11.76 25.23
CA ILE A 125 -38.21 12.93 25.26
C ILE A 125 -37.16 12.90 26.38
N ASN A 126 -37.48 12.24 27.49
CA ASN A 126 -36.59 12.14 28.64
C ASN A 126 -35.36 11.25 28.40
N ASN A 127 -35.51 10.31 27.48
CA ASN A 127 -34.46 9.32 27.19
C ASN A 127 -33.20 9.89 26.51
N ILE A 128 -33.13 11.21 26.36
CA ILE A 128 -31.99 11.87 25.73
C ILE A 128 -31.08 12.52 26.78
N THR A 129 -29.91 11.92 26.97
CA THR A 129 -28.95 12.40 27.98
C THR A 129 -28.03 13.51 27.44
N TYR A 130 -27.75 13.46 26.13
CA TYR A 130 -26.83 14.41 25.48
C TYR A 130 -27.45 15.78 25.18
N CYS A 131 -28.60 16.06 25.79
CA CYS A 131 -29.37 17.30 25.55
C CYS A 131 -28.56 18.60 25.66
N ARG A 132 -27.43 18.55 26.38
CA ARG A 132 -26.57 19.71 26.61
C ARG A 132 -25.72 20.07 25.38
N ASN A 133 -25.58 19.13 24.44
CA ASN A 133 -24.76 19.33 23.25
C ASN A 133 -25.36 20.31 22.22
N PHE A 134 -26.65 20.65 22.41
CA PHE A 134 -27.33 21.59 21.51
C PHE A 134 -27.66 22.90 22.24
N SER A 138 -29.57 22.16 29.77
CA SER A 138 -29.34 20.87 30.42
C SER A 138 -30.58 19.97 30.35
N SER A 139 -31.75 20.54 30.65
CA SER A 139 -33.01 19.80 30.63
C SER A 139 -33.46 19.49 29.20
N ALA A 140 -33.94 18.26 29.01
CA ALA A 140 -34.42 17.81 27.69
C ALA A 140 -35.77 18.43 27.32
N MET A 141 -36.51 18.90 28.32
CA MET A 141 -37.78 19.60 28.10
C MET A 141 -37.56 21.01 27.53
N ASP A 142 -36.43 21.61 27.88
CA ASP A 142 -36.07 22.95 27.40
C ASP A 142 -35.71 22.96 25.90
N LEU A 143 -35.13 21.87 25.42
CA LEU A 143 -34.72 21.75 24.02
C LEU A 143 -35.89 21.46 23.09
N TYR A 144 -36.69 20.44 23.44
CA TYR A 144 -37.76 19.97 22.56
C TYR A 144 -39.08 20.74 22.69
N SER A 145 -39.08 21.78 23.52
CA SER A 145 -40.20 22.73 23.58
C SER A 145 -40.23 23.58 22.32
N ASN A 146 -39.05 23.78 21.73
CA ASN A 146 -38.88 24.55 20.49
C ASN A 146 -39.29 23.78 19.23
N TYR A 147 -39.72 22.53 19.40
CA TYR A 147 -40.05 21.66 18.26
C TYR A 147 -41.35 20.88 18.49
N LYS A 148 -42.09 20.67 17.41
CA LYS A 148 -43.32 19.89 17.46
C LYS A 148 -43.01 18.39 17.46
N LEU A 149 -43.58 17.67 18.42
CA LEU A 149 -43.43 16.22 18.54
C LEU A 149 -44.80 15.54 18.52
N MET A 150 -44.80 14.20 18.47
CA MET A 150 -46.06 13.42 18.41
C MET A 150 -46.08 12.29 19.46
N ASN A 151 -47.22 11.61 19.58
CA ASN A 151 -47.38 10.47 20.49
C ASN A 151 -48.38 9.45 19.96
N CYS A 154 -44.65 7.45 14.75
CA CYS A 154 -44.35 7.71 13.34
C CYS A 154 -44.36 6.41 12.53
N CYS A 155 -45.15 6.41 11.45
CA CYS A 155 -45.39 5.21 10.63
C CYS A 155 -44.12 4.53 10.09
N LEU A 156 -43.11 5.33 9.73
CA LEU A 156 -41.87 4.85 9.13
C LEU A 156 -41.08 3.89 10.04
N PHE A 157 -41.30 4.01 11.35
CA PHE A 157 -40.60 3.17 12.32
C PHE A 157 -41.50 2.08 12.93
N GLU A 158 -42.62 1.79 12.27
CA GLU A 158 -43.59 0.80 12.75
C GLU A 158 -42.92 -0.56 12.98
N ASN A 159 -43.32 -1.22 14.08
CA ASN A 159 -42.80 -2.54 14.48
C ASN A 159 -41.28 -2.58 14.74
N ILE A 160 -40.70 -1.41 15.04
CA ILE A 160 -39.26 -1.31 15.34
C ILE A 160 -38.90 -1.91 16.69
N LYS A 161 -39.90 -2.06 17.57
CA LYS A 161 -39.73 -2.59 18.93
C LYS A 161 -38.98 -1.61 19.85
N SER A 162 -37.68 -1.42 19.59
CA SER A 162 -36.83 -0.55 20.41
C SER A 162 -37.02 0.92 20.07
N ASP A 163 -36.74 1.79 21.04
CA ASP A 163 -36.78 3.24 20.84
C ASP A 163 -35.42 3.79 20.42
N ILE A 164 -34.44 2.89 20.31
CA ILE A 164 -33.09 3.21 19.84
C ILE A 164 -32.78 2.34 18.62
N THR A 165 -32.12 2.94 17.62
CA THR A 165 -31.71 2.20 16.42
C THR A 165 -30.31 2.59 15.96
N THR A 166 -29.56 1.59 15.48
CA THR A 166 -28.23 1.83 14.91
C THR A 166 -28.33 2.09 13.42
N VAL A 167 -27.70 3.19 12.99
CA VAL A 167 -27.74 3.63 11.59
C VAL A 167 -26.36 4.08 11.13
N TRP A 168 -26.17 4.11 9.81
CA TRP A 168 -24.91 4.58 9.22
C TRP A 168 -24.98 6.06 8.86
N MET A 169 -23.96 6.80 9.28
CA MET A 169 -23.86 8.23 9.00
C MET A 169 -22.77 8.52 7.98
N ASN A 170 -22.99 9.59 7.21
CA ASN A 170 -22.02 10.13 6.25
C ASN A 170 -22.52 11.46 5.74
N HIS A 171 -22.30 12.52 6.52
CA HIS A 171 -22.77 13.85 6.17
C HIS A 171 -21.94 14.95 6.81
N ASN A 172 -21.80 16.06 6.10
CA ASN A 172 -21.09 17.23 6.60
C ASN A 172 -22.04 18.41 6.90
N ASP A 173 -23.26 18.32 6.38
CA ASP A 173 -24.28 19.35 6.58
C ASP A 173 -25.48 18.80 7.36
N GLU A 174 -26.16 19.69 8.09
CA GLU A 174 -27.31 19.31 8.90
C GLU A 174 -28.42 20.36 8.85
N VAL A 175 -29.67 19.90 8.99
CA VAL A 175 -30.82 20.79 9.05
C VAL A 175 -30.80 21.53 10.39
N THR A 176 -30.78 22.86 10.33
CA THR A 176 -30.75 23.71 11.52
C THR A 176 -32.14 24.19 11.91
N LYS A 177 -33.00 24.43 10.91
CA LYS A 177 -34.37 24.86 11.15
C LYS A 177 -35.35 24.02 10.33
N ILE A 178 -36.30 23.38 11.02
CA ILE A 178 -37.30 22.51 10.40
C ILE A 178 -38.20 23.25 9.40
N PRO A 179 -38.56 22.58 8.29
CA PRO A 179 -39.49 23.18 7.33
C PRO A 179 -40.95 23.13 7.79
N GLU A 180 -41.77 24.02 7.21
CA GLU A 180 -43.24 24.03 7.39
C GLU A 180 -43.78 23.55 8.77
N ASN A 181 -44.75 22.64 8.74
CA ASN A 181 -45.29 22.06 9.96
C ASN A 181 -44.79 20.62 10.15
N PHE A 182 -43.47 20.48 10.28
CA PHE A 182 -42.82 19.19 10.42
C PHE A 182 -42.63 18.77 11.87
N TYR A 183 -42.71 17.47 12.12
CA TYR A 183 -42.43 16.89 13.41
C TYR A 183 -40.95 16.52 13.51
N LEU A 184 -40.36 16.75 14.68
CA LEU A 184 -39.05 16.20 14.99
C LEU A 184 -39.27 14.77 15.48
N VAL A 185 -38.68 13.82 14.78
CA VAL A 185 -38.99 12.40 14.97
C VAL A 185 -37.81 11.57 15.46
N SER A 186 -36.59 12.05 15.21
CA SER A 186 -35.39 11.38 15.72
C SER A 186 -34.25 12.37 15.95
N SER A 187 -33.39 12.05 16.91
CA SER A 187 -32.23 12.88 17.20
C SER A 187 -30.95 12.06 17.29
N SER A 188 -29.83 12.71 16.99
CA SER A 188 -28.52 12.08 17.02
C SER A 188 -27.61 12.92 17.91
N GLU A 189 -26.66 12.26 18.58
CA GLU A 189 -25.69 12.90 19.46
C GLU A 189 -25.03 14.14 18.82
N ASN A 190 -24.86 14.10 17.51
CA ASN A 190 -24.24 15.20 16.78
C ASN A 190 -25.17 15.83 15.72
N CYS A 191 -26.43 15.45 15.74
CA CYS A 191 -27.41 15.97 14.78
C CYS A 191 -28.82 16.02 15.40
N LEU A 192 -29.22 17.22 15.82
CA LEU A 192 -30.51 17.45 16.50
C LEU A 192 -31.70 17.12 15.59
N ILE A 193 -31.73 17.71 14.40
CA ILE A 193 -32.78 17.42 13.43
C ILE A 193 -32.32 16.24 12.55
N CYS A 194 -32.45 15.04 13.10
CA CYS A 194 -31.95 13.82 12.48
C CYS A 194 -32.98 13.17 11.56
N SER A 195 -34.25 13.24 11.95
CA SER A 195 -35.34 12.74 11.13
C SER A 195 -36.59 13.61 11.29
N ILE A 196 -37.29 13.84 10.17
CA ILE A 196 -38.46 14.72 10.16
C ILE A 196 -39.66 14.10 9.46
N TYR A 197 -40.85 14.54 9.86
CA TYR A 197 -42.11 13.97 9.35
C TYR A 197 -43.20 15.03 9.10
N ASN A 198 -43.89 14.89 7.97
CA ASN A 198 -45.05 15.71 7.64
C ASN A 198 -46.25 14.81 7.40
N LYS A 199 -47.32 15.05 8.17
CA LYS A 199 -48.53 14.23 8.11
C LYS A 199 -49.41 14.57 6.91
N GLU A 200 -49.44 15.84 6.53
CA GLU A 200 -50.34 16.32 5.46
C GLU A 200 -49.92 15.84 4.08
N TYR A 201 -48.61 15.90 3.79
CA TYR A 201 -48.09 15.55 2.46
C TYR A 201 -47.36 14.20 2.41
N ASN A 202 -47.28 13.51 3.54
CA ASN A 202 -46.56 12.23 3.67
C ASN A 202 -45.06 12.32 3.36
N ILE A 203 -44.44 13.42 3.79
CA ILE A 203 -43.02 13.63 3.55
C ILE A 203 -42.19 13.10 4.72
N TYR A 204 -41.21 12.27 4.39
CA TYR A 204 -40.30 11.70 5.38
C TYR A 204 -38.86 12.08 5.05
N GLY A 205 -38.06 12.27 6.09
CA GLY A 205 -36.67 12.67 5.91
C GLY A 205 -35.78 12.14 7.01
N VAL A 206 -34.68 11.50 6.62
CA VAL A 206 -33.68 11.00 7.56
C VAL A 206 -32.29 11.46 7.15
N GLN A 207 -31.45 11.77 8.14
CA GLN A 207 -30.07 12.21 7.88
C GLN A 207 -29.12 11.04 7.65
N TYR A 208 -29.50 9.87 8.15
CA TYR A 208 -28.71 8.65 8.00
C TYR A 208 -29.00 7.93 6.67
N HIS A 209 -28.35 6.79 6.47
CA HIS A 209 -28.51 6.01 5.25
C HIS A 209 -29.11 4.63 5.55
N PRO A 210 -30.45 4.50 5.44
CA PRO A 210 -31.12 3.21 5.67
C PRO A 210 -30.88 2.20 4.54
N GLU A 211 -30.25 2.64 3.46
CA GLU A 211 -29.98 1.77 2.31
C GLU A 211 -28.78 0.84 2.53
N VAL A 212 -27.86 1.25 3.41
CA VAL A 212 -26.68 0.44 3.71
C VAL A 212 -27.00 -0.68 4.72
N TYR A 213 -26.23 -1.76 4.63
CA TYR A 213 -26.40 -2.93 5.51
C TYR A 213 -26.26 -2.58 7.00
N GLU A 214 -25.23 -1.78 7.33
CA GLU A 214 -24.92 -1.39 8.71
C GLU A 214 -26.10 -0.74 9.46
N SER A 215 -27.02 -0.13 8.72
CA SER A 215 -28.26 0.40 9.29
C SER A 215 -29.23 -0.75 9.55
N LEU A 216 -29.12 -1.35 10.74
CA LEU A 216 -29.80 -2.61 11.11
C LEU A 216 -31.31 -2.66 10.86
N ASP A 217 -31.99 -1.54 11.05
CA ASP A 217 -33.45 -1.47 10.85
C ASP A 217 -33.84 -0.88 9.50
N GLY A 218 -32.88 -0.84 8.57
CA GLY A 218 -33.07 -0.25 7.24
C GLY A 218 -34.16 -0.90 6.42
N GLU A 219 -34.05 -2.22 6.23
CA GLU A 219 -35.01 -2.99 5.42
C GLU A 219 -36.45 -2.82 5.88
N LEU A 220 -36.63 -2.56 7.18
CA LEU A 220 -37.94 -2.33 7.77
C LEU A 220 -38.51 -0.96 7.37
N MET A 221 -37.66 0.07 7.39
CA MET A 221 -38.08 1.45 7.04
C MET A 221 -38.48 1.56 5.57
N PHE A 222 -37.77 0.83 4.70
CA PHE A 222 -38.11 0.72 3.29
C PHE A 222 -39.41 -0.06 3.08
N TYR A 223 -39.63 -1.07 3.92
CA TYR A 223 -40.87 -1.86 3.90
C TYR A 223 -42.08 -1.01 4.32
N ASN A 224 -41.94 -0.32 5.45
CA ASN A 224 -42.99 0.57 5.97
C ASN A 224 -43.39 1.64 4.96
N PHE A 225 -42.40 2.22 4.28
CA PHE A 225 -42.66 3.25 3.28
C PHE A 225 -43.39 2.69 2.06
N ALA A 226 -42.90 1.56 1.55
CA ALA A 226 -43.46 0.94 0.34
C ALA A 226 -44.91 0.49 0.51
N TYR A 227 -45.16 -0.34 1.53
CA TYR A 227 -46.48 -0.97 1.70
C TYR A 227 -47.45 -0.19 2.59
N ASN A 228 -47.03 0.09 3.83
CA ASN A 228 -47.87 0.78 4.81
C ASN A 228 -48.16 2.25 4.45
N ILE A 229 -47.14 2.95 3.94
CA ILE A 229 -47.26 4.39 3.62
C ILE A 229 -47.71 4.63 2.17
N CYS A 230 -47.04 3.98 1.22
CA CYS A 230 -47.31 4.22 -0.21
C CYS A 230 -48.42 3.34 -0.79
N LYS A 231 -48.85 2.34 -0.02
CA LYS A 231 -49.97 1.45 -0.38
C LYS A 231 -49.71 0.66 -1.68
N CYS A 232 -48.49 0.14 -1.83
CA CYS A 232 -48.11 -0.71 -2.96
C CYS A 232 -48.79 -2.07 -2.84
N LYS A 233 -49.07 -2.69 -3.98
CA LYS A 233 -49.77 -3.99 -4.01
C LYS A 233 -48.90 -5.14 -4.54
N LYS A 234 -48.10 -4.85 -5.58
CA LYS A 234 -47.23 -5.85 -6.21
C LYS A 234 -46.02 -6.18 -5.35
N PHE A 236 -43.66 -7.16 -7.63
CA PHE A 236 -42.64 -7.43 -8.65
C PHE A 236 -41.44 -8.14 -8.03
N ASP A 237 -41.25 -9.40 -8.43
CA ASP A 237 -40.12 -10.20 -7.95
C ASP A 237 -38.98 -10.19 -8.98
N PRO A 238 -37.82 -9.59 -8.62
CA PRO A 238 -36.66 -9.53 -9.53
C PRO A 238 -36.14 -10.90 -9.94
N ILE A 239 -36.05 -11.83 -8.98
CA ILE A 239 -35.55 -13.19 -9.24
C ILE A 239 -36.60 -14.06 -9.96
N ARG A 240 -37.61 -13.41 -10.53
CA ARG A 240 -38.65 -14.10 -11.29
C ARG A 240 -38.77 -13.53 -12.70
N TYR A 241 -38.22 -12.33 -12.91
CA TYR A 241 -38.29 -11.64 -14.20
C TYR A 241 -37.55 -12.38 -15.32
N HIS A 242 -36.39 -12.93 -15.02
CA HIS A 242 -35.60 -13.65 -16.03
C HIS A 242 -36.29 -14.94 -16.47
N GLU A 243 -36.90 -15.65 -15.53
CA GLU A 243 -37.67 -16.87 -15.81
C GLU A 243 -38.83 -16.57 -16.75
N LEU A 244 -39.56 -15.49 -16.48
CA LEU A 244 -40.67 -15.04 -17.33
C LEU A 244 -40.17 -14.63 -18.73
N GLU A 245 -39.01 -13.99 -18.78
CA GLU A 245 -38.43 -13.51 -20.04
C GLU A 245 -37.92 -14.67 -20.92
N LEU A 246 -37.36 -15.69 -20.28
CA LEU A 246 -36.89 -16.90 -20.98
C LEU A 246 -38.03 -17.78 -21.49
N LYS A 247 -39.14 -17.81 -20.74
CA LYS A 247 -40.32 -18.58 -21.13
C LYS A 247 -41.02 -18.01 -22.36
N ASN A 248 -40.74 -16.74 -22.66
CA ASN A 248 -41.35 -16.06 -23.79
C ASN A 248 -40.46 -16.01 -25.04
N ILE A 249 -39.15 -16.15 -24.83
CA ILE A 249 -38.20 -16.26 -25.96
C ILE A 249 -38.33 -17.63 -26.62
N GLU A 250 -38.86 -18.60 -25.87
CA GLU A 250 -39.07 -19.98 -26.32
C GLU A 250 -39.82 -20.08 -27.67
N LYS A 251 -40.71 -19.12 -27.94
CA LYS A 251 -41.47 -19.09 -29.19
C LYS A 251 -40.62 -18.72 -30.42
N TYR A 252 -39.39 -18.25 -30.18
CA TYR A 252 -38.48 -17.88 -31.26
C TYR A 252 -37.39 -18.93 -31.52
N LYS A 253 -37.38 -19.99 -30.71
CA LYS A 253 -36.29 -20.98 -30.68
C LYS A 253 -36.03 -21.72 -32.00
N HIS A 254 -37.01 -21.73 -32.90
CA HIS A 254 -36.88 -22.46 -34.17
C HIS A 254 -36.61 -21.55 -35.38
N ASP A 255 -37.04 -20.30 -35.31
CA ASP A 255 -36.90 -19.36 -36.43
C ASP A 255 -35.83 -18.27 -36.21
N HIS A 256 -35.24 -18.22 -35.02
CA HIS A 256 -34.27 -17.18 -34.67
C HIS A 256 -32.96 -17.70 -34.07
N TYR A 257 -31.89 -16.94 -34.26
CA TYR A 257 -30.58 -17.29 -33.71
C TYR A 257 -30.24 -16.40 -32.51
N VAL A 258 -29.43 -16.92 -31.59
CA VAL A 258 -28.92 -16.12 -30.48
C VAL A 258 -27.38 -16.06 -30.49
N ILE A 259 -26.85 -14.84 -30.52
CA ILE A 259 -25.40 -14.60 -30.41
C ILE A 259 -25.07 -14.01 -29.05
N ALA A 260 -23.88 -14.34 -28.54
CA ALA A 260 -23.45 -13.87 -27.23
C ALA A 260 -21.94 -13.74 -27.16
N ALA A 261 -21.48 -12.58 -26.67
CA ALA A 261 -20.07 -12.40 -26.34
C ALA A 261 -19.77 -13.19 -25.07
N MET A 262 -18.84 -14.14 -25.19
CA MET A 262 -18.43 -14.96 -24.07
C MET A 262 -17.11 -14.46 -23.52
N SER A 263 -17.10 -14.06 -22.25
CA SER A 263 -15.92 -13.46 -21.64
C SER A 263 -15.18 -14.39 -20.69
N GLY A 264 -15.91 -15.33 -20.10
CA GLY A 264 -15.36 -16.19 -19.05
C GLY A 264 -15.77 -15.70 -17.67
N GLY A 265 -16.52 -14.60 -17.64
CA GLY A 265 -17.08 -14.06 -16.41
C GLY A 265 -18.41 -14.71 -16.07
N ILE A 266 -18.81 -14.61 -14.80
CA ILE A 266 -20.02 -15.25 -14.30
C ILE A 266 -21.30 -14.85 -15.06
N ASP A 267 -21.45 -13.56 -15.34
CA ASP A 267 -22.66 -13.00 -15.95
C ASP A 267 -22.95 -13.54 -17.34
N SER A 268 -21.95 -13.51 -18.22
CA SER A 268 -22.09 -14.00 -19.59
C SER A 268 -22.31 -15.52 -19.63
N THR A 269 -21.73 -16.25 -18.68
CA THR A 269 -21.79 -17.71 -18.68
C THR A 269 -23.16 -18.24 -18.22
N VAL A 270 -23.65 -17.76 -17.07
CA VAL A 270 -24.96 -18.19 -16.55
C VAL A 270 -26.07 -17.86 -17.53
N ALA A 271 -26.03 -16.66 -18.10
CA ALA A 271 -26.98 -16.25 -19.13
C ALA A 271 -26.95 -17.23 -20.31
N ALA A 272 -25.74 -17.57 -20.75
CA ALA A 272 -25.56 -18.52 -21.86
C ALA A 272 -26.13 -19.90 -21.53
N ALA A 273 -25.97 -20.32 -20.28
CA ALA A 273 -26.51 -21.61 -19.83
C ALA A 273 -28.03 -21.71 -20.02
N TYR A 274 -28.76 -20.78 -19.42
CA TYR A 274 -30.22 -20.75 -19.54
C TYR A 274 -30.70 -20.60 -20.98
N THR A 275 -29.93 -19.89 -21.79
CA THR A 275 -30.34 -19.57 -23.17
C THR A 275 -29.94 -20.66 -24.16
N HIS A 276 -28.83 -21.35 -23.88
CA HIS A 276 -28.37 -22.46 -24.71
C HIS A 276 -29.34 -23.65 -24.58
N LYS A 277 -29.87 -23.84 -23.37
CA LYS A 277 -30.87 -24.88 -23.11
C LYS A 277 -32.15 -24.71 -23.93
N ILE A 278 -32.41 -23.49 -24.40
CA ILE A 278 -33.56 -23.21 -25.26
C ILE A 278 -33.21 -23.34 -26.74
N PHE A 279 -32.21 -22.55 -27.19
CA PHE A 279 -31.87 -22.44 -28.61
C PHE A 279 -30.92 -23.53 -29.14
N LYS A 280 -30.27 -24.26 -28.24
CA LYS A 280 -29.34 -25.36 -28.60
C LYS A 280 -28.36 -25.01 -29.73
N GLU A 281 -28.46 -25.70 -30.86
CA GLU A 281 -27.55 -25.50 -32.00
C GLU A 281 -27.79 -24.19 -32.75
N ARG A 282 -28.73 -23.38 -32.25
CA ARG A 282 -28.99 -22.04 -32.80
C ARG A 282 -28.35 -20.93 -31.95
N PHE A 283 -27.73 -21.33 -30.84
CA PHE A 283 -26.97 -20.43 -29.99
C PHE A 283 -25.51 -20.40 -30.43
N PHE A 284 -24.95 -19.19 -30.52
CA PHE A 284 -23.54 -19.02 -30.90
C PHE A 284 -22.76 -18.18 -29.88
N GLY A 285 -21.76 -18.79 -29.27
CA GLY A 285 -20.89 -18.10 -28.33
C GLY A 285 -19.62 -17.62 -28.99
N ILE A 286 -19.29 -16.34 -28.80
CA ILE A 286 -18.07 -15.74 -29.37
C ILE A 286 -17.10 -15.25 -28.28
N PHE A 287 -15.92 -15.85 -28.25
CA PHE A 287 -14.87 -15.46 -27.30
C PHE A 287 -13.72 -14.77 -28.03
N ILE A 288 -13.56 -13.48 -27.77
CA ILE A 288 -12.53 -12.68 -28.43
C ILE A 288 -11.33 -12.47 -27.51
N ASP A 289 -10.20 -13.05 -27.90
CA ASP A 289 -8.94 -12.80 -27.20
C ASP A 289 -8.38 -11.47 -27.68
N ASN A 290 -8.45 -10.46 -26.81
CA ASN A 290 -7.98 -9.12 -27.15
C ASN A 290 -6.48 -8.90 -26.88
N GLY A 291 -5.82 -9.94 -26.39
CA GLY A 291 -4.39 -9.88 -26.07
C GLY A 291 -4.11 -9.13 -24.78
N LEU A 292 -5.19 -8.84 -24.04
CA LEU A 292 -5.09 -8.08 -22.80
C LEU A 292 -5.57 -8.91 -21.59
N LEU A 293 -5.61 -10.22 -21.76
CA LEU A 293 -6.00 -11.14 -20.69
C LEU A 293 -4.79 -11.57 -19.87
N ARG A 294 -5.03 -12.41 -18.86
CA ARG A 294 -3.97 -12.84 -17.94
C ARG A 294 -3.28 -14.12 -18.41
N LYS A 295 -2.33 -14.60 -17.61
CA LYS A 295 -1.49 -15.74 -17.96
C LYS A 295 -2.34 -16.98 -18.23
N ASN A 296 -2.22 -17.48 -19.46
CA ASN A 296 -3.00 -18.63 -19.97
C ASN A 296 -4.53 -18.46 -19.99
N GLU A 297 -5.01 -17.26 -19.65
CA GLU A 297 -6.46 -17.01 -19.55
C GLU A 297 -7.23 -17.33 -20.85
N ALA A 298 -6.67 -16.93 -21.99
CA ALA A 298 -7.28 -17.19 -23.29
C ALA A 298 -7.52 -18.69 -23.53
N GLU A 299 -6.53 -19.51 -23.15
CA GLU A 299 -6.66 -20.96 -23.28
C GLU A 299 -7.57 -21.55 -22.21
N ASN A 300 -7.38 -21.12 -20.96
CA ASN A 300 -8.13 -21.64 -19.81
C ASN A 300 -9.64 -21.38 -19.85
N VAL A 301 -10.03 -20.21 -20.36
CA VAL A 301 -11.45 -19.85 -20.49
C VAL A 301 -12.14 -20.69 -21.58
N TYR A 302 -11.51 -20.77 -22.75
CA TYR A 302 -12.04 -21.55 -23.88
C TYR A 302 -12.21 -23.04 -23.54
N THR A 303 -11.25 -23.59 -22.82
CA THR A 303 -11.33 -24.98 -22.35
C THR A 303 -12.47 -25.11 -21.33
N PHE A 304 -12.57 -24.13 -20.43
CA PHE A 304 -13.62 -24.11 -19.40
C PHE A 304 -15.02 -24.07 -20.02
N LEU A 305 -15.19 -23.27 -21.06
CA LEU A 305 -16.48 -23.11 -21.72
C LEU A 305 -16.91 -24.38 -22.46
N LYS A 306 -15.93 -25.05 -23.07
CA LYS A 306 -16.19 -26.30 -23.79
C LYS A 306 -16.46 -27.46 -22.84
N SER A 307 -15.72 -27.50 -21.72
CA SER A 307 -15.88 -28.55 -20.70
C SER A 307 -17.21 -28.44 -19.95
N THR A 308 -17.75 -27.22 -19.88
CA THR A 308 -19.02 -26.97 -19.19
C THR A 308 -20.21 -27.16 -20.13
N PHE A 309 -20.07 -26.69 -21.37
CA PHE A 309 -21.13 -26.81 -22.38
C PHE A 309 -20.62 -27.51 -23.65
N PRO A 310 -20.50 -28.87 -23.60
CA PRO A 310 -19.87 -29.63 -24.70
C PRO A 310 -20.54 -29.46 -26.07
N ASP A 311 -21.86 -29.28 -26.08
CA ASP A 311 -22.63 -29.19 -27.32
C ASP A 311 -22.76 -27.76 -27.86
N MET A 312 -22.22 -26.79 -27.12
CA MET A 312 -22.35 -25.37 -27.45
C MET A 312 -21.35 -24.89 -28.50
N ASN A 313 -21.84 -24.09 -29.44
CA ASN A 313 -21.00 -23.40 -30.43
C ASN A 313 -20.17 -22.33 -29.75
N ILE A 314 -18.86 -22.46 -29.85
CA ILE A 314 -17.95 -21.44 -29.30
C ILE A 314 -16.86 -21.09 -30.31
N THR A 315 -16.97 -19.90 -30.88
CA THR A 315 -15.95 -19.39 -31.81
C THR A 315 -14.96 -18.52 -31.04
N LYS A 316 -13.68 -18.91 -31.11
CA LYS A 316 -12.61 -18.13 -30.51
C LYS A 316 -11.78 -17.41 -31.58
N ILE A 317 -11.62 -16.11 -31.43
CA ILE A 317 -10.73 -15.36 -32.32
C ILE A 317 -9.55 -14.74 -31.56
N ASP A 318 -8.35 -15.04 -32.04
CA ASP A 318 -7.13 -14.39 -31.56
C ASP A 318 -7.03 -13.03 -32.23
N ALA A 319 -7.38 -11.98 -31.49
CA ALA A 319 -7.32 -10.61 -31.99
C ALA A 319 -6.20 -9.81 -31.32
N SER A 320 -5.28 -10.52 -30.67
CA SER A 320 -4.24 -9.91 -29.84
C SER A 320 -3.42 -8.86 -30.58
N GLU A 321 -2.96 -9.21 -31.79
CA GLU A 321 -2.16 -8.29 -32.61
C GLU A 321 -2.95 -7.03 -33.00
N ASN A 322 -4.25 -7.20 -33.24
CA ASN A 322 -5.11 -6.07 -33.62
C ASN A 322 -5.14 -5.01 -32.53
N PHE A 323 -5.42 -5.45 -31.30
CA PHE A 323 -5.49 -4.54 -30.14
C PHE A 323 -4.12 -3.96 -29.77
N LEU A 324 -3.11 -4.82 -29.71
CA LEU A 324 -1.73 -4.42 -29.31
C LEU A 324 -1.10 -3.31 -30.18
N SER A 325 -1.23 -3.44 -31.50
CA SER A 325 -0.67 -2.46 -32.42
C SER A 325 -1.46 -1.15 -32.40
N ASN A 326 -2.77 -1.27 -32.19
CA ASN A 326 -3.64 -0.09 -32.03
C ASN A 326 -3.45 0.65 -30.71
N LEU A 327 -2.83 -0.02 -29.74
CA LEU A 327 -2.59 0.57 -28.42
C LEU A 327 -1.20 1.16 -28.24
N GLN A 328 -0.33 0.97 -29.25
CA GLN A 328 1.05 1.50 -29.23
C GLN A 328 1.07 3.00 -28.99
N GLY A 329 1.85 3.41 -27.98
CA GLY A 329 2.04 4.82 -27.68
C GLY A 329 0.95 5.46 -26.83
N VAL A 330 -0.17 4.75 -26.68
CA VAL A 330 -1.32 5.26 -25.97
C VAL A 330 -1.10 5.18 -24.45
N THR A 331 -1.20 6.33 -23.78
CA THR A 331 -0.99 6.39 -22.33
C THR A 331 -2.24 6.88 -21.59
N ASP A 332 -3.04 7.70 -22.27
CA ASP A 332 -4.30 8.20 -21.73
C ASP A 332 -5.30 7.06 -21.54
N PRO A 333 -5.77 6.85 -20.29
CA PRO A 333 -6.65 5.73 -19.91
C PRO A 333 -7.99 5.70 -20.65
N GLU A 334 -8.57 6.87 -20.92
CA GLU A 334 -9.80 6.96 -21.71
C GLU A 334 -9.58 6.61 -23.18
N GLN A 335 -8.47 7.11 -23.75
CA GLN A 335 -8.08 6.75 -25.11
C GLN A 335 -7.94 5.24 -25.25
N LYS A 336 -7.24 4.61 -24.30
CA LYS A 336 -7.13 3.15 -24.20
C LYS A 336 -8.51 2.50 -24.23
N ARG A 337 -9.37 2.91 -23.30
CA ARG A 337 -10.74 2.40 -23.18
C ARG A 337 -11.57 2.54 -24.46
N LYS A 338 -11.45 3.68 -25.13
CA LYS A 338 -12.21 3.96 -26.35
C LYS A 338 -11.71 3.14 -27.55
N ILE A 339 -10.41 2.93 -27.65
CA ILE A 339 -9.83 2.11 -28.72
C ILE A 339 -10.25 0.65 -28.55
N ILE A 340 -10.13 0.14 -27.32
CA ILE A 340 -10.46 -1.25 -26.98
C ILE A 340 -11.93 -1.58 -27.22
N GLY A 341 -12.82 -0.64 -26.86
CA GLY A 341 -14.25 -0.79 -27.11
C GLY A 341 -14.59 -0.76 -28.59
N LYS A 342 -13.89 0.12 -29.32
CA LYS A 342 -14.07 0.28 -30.76
C LYS A 342 -13.62 -0.97 -31.51
N LEU A 343 -12.46 -1.50 -31.14
CA LEU A 343 -11.91 -2.68 -31.79
C LEU A 343 -12.63 -3.98 -31.43
N PHE A 344 -13.22 -4.01 -30.22
CA PHE A 344 -14.03 -5.15 -29.82
C PHE A 344 -15.28 -5.25 -30.69
N ILE A 345 -16.00 -4.13 -30.81
CA ILE A 345 -17.18 -4.05 -31.69
C ILE A 345 -16.84 -4.52 -33.12
N GLU A 346 -15.74 -4.00 -33.68
CA GLU A 346 -15.31 -4.34 -35.04
C GLU A 346 -14.99 -5.83 -35.21
N GLU A 347 -14.34 -6.41 -34.20
CA GLU A 347 -13.94 -7.82 -34.25
C GLU A 347 -15.16 -8.73 -34.02
N PHE A 348 -16.05 -8.30 -33.14
CA PHE A 348 -17.26 -9.03 -32.82
C PHE A 348 -18.17 -9.12 -34.04
N GLU A 349 -18.41 -7.97 -34.67
CA GLU A 349 -19.27 -7.91 -35.86
C GLU A 349 -18.67 -8.67 -37.03
N LYS A 350 -17.34 -8.73 -37.09
CA LYS A 350 -16.61 -9.52 -38.07
C LYS A 350 -16.85 -11.03 -37.83
N ALA A 351 -16.96 -11.43 -36.56
CA ALA A 351 -17.24 -12.82 -36.20
C ALA A 351 -18.70 -13.21 -36.44
N VAL A 352 -19.62 -12.25 -36.25
CA VAL A 352 -21.05 -12.50 -36.46
C VAL A 352 -21.35 -12.72 -37.94
N ASN A 353 -20.82 -11.85 -38.80
CA ASN A 353 -20.94 -12.00 -40.23
C ASN A 353 -20.33 -13.32 -40.75
N ASN A 354 -19.25 -13.77 -40.12
CA ASN A 354 -18.58 -15.02 -40.49
C ASN A 354 -19.39 -16.29 -40.17
N ILE A 355 -20.43 -16.15 -39.35
CA ILE A 355 -21.36 -17.25 -39.06
C ILE A 355 -22.32 -17.45 -40.24
N ASP A 356 -22.55 -16.37 -41.00
CA ASP A 356 -23.43 -16.35 -42.17
C ASP A 356 -24.88 -16.74 -41.81
N ILE A 357 -25.53 -15.89 -41.01
CA ILE A 357 -26.93 -16.06 -40.64
C ILE A 357 -27.73 -14.78 -40.88
N ASP A 358 -29.06 -14.86 -40.78
CA ASP A 358 -29.92 -13.71 -41.00
C ASP A 358 -29.85 -12.73 -39.82
N ILE A 359 -29.25 -11.57 -40.08
CA ILE A 359 -29.12 -10.49 -39.09
C ILE A 359 -30.48 -9.93 -38.65
N ASN A 360 -31.47 -10.04 -39.54
CA ASN A 360 -32.84 -9.61 -39.23
C ASN A 360 -33.64 -10.62 -38.39
N LYS A 361 -33.00 -11.72 -38.01
CA LYS A 361 -33.64 -12.77 -37.20
C LYS A 361 -32.72 -13.28 -36.07
N THR A 362 -31.93 -12.37 -35.50
CA THR A 362 -30.95 -12.72 -34.47
C THR A 362 -31.16 -11.94 -33.17
N PHE A 363 -30.96 -12.62 -32.04
CA PHE A 363 -30.98 -11.98 -30.72
C PHE A 363 -29.58 -11.89 -30.13
N LEU A 364 -29.21 -10.70 -29.66
CA LEU A 364 -27.93 -10.51 -28.97
C LEU A 364 -28.10 -10.64 -27.47
N LEU A 365 -27.55 -11.72 -26.91
CA LEU A 365 -27.61 -11.98 -25.47
C LEU A 365 -26.56 -11.18 -24.73
N GLN A 366 -27.00 -10.48 -23.68
CA GLN A 366 -26.09 -9.76 -22.79
C GLN A 366 -26.43 -10.04 -21.33
N GLY A 367 -25.41 -10.26 -20.52
CA GLY A 367 -25.58 -10.49 -19.09
C GLY A 367 -25.65 -9.20 -18.30
N THR A 368 -26.35 -8.21 -18.87
CA THR A 368 -26.54 -6.90 -18.28
C THR A 368 -27.35 -7.01 -16.99
N LEU A 369 -26.85 -6.41 -15.91
CA LEU A 369 -27.52 -6.47 -14.61
C LEU A 369 -28.10 -5.10 -14.24
N TYR A 370 -28.81 -5.02 -13.12
CA TYR A 370 -29.45 -3.76 -12.70
C TYR A 370 -28.45 -2.58 -12.61
N PRO A 371 -27.33 -2.75 -11.86
CA PRO A 371 -26.32 -1.69 -11.79
C PRO A 371 -25.99 -1.06 -13.14
N ASP A 372 -25.95 -1.88 -14.20
CA ASP A 372 -25.65 -1.41 -15.56
C ASP A 372 -26.73 -0.47 -16.12
N ILE A 373 -27.99 -0.86 -15.99
CA ILE A 373 -29.12 -0.02 -16.46
C ILE A 373 -29.24 1.26 -15.63
N ILE A 374 -28.97 1.16 -14.33
CA ILE A 374 -28.92 2.32 -13.43
C ILE A 374 -27.83 3.30 -13.88
N GLU A 375 -26.63 2.77 -14.11
CA GLU A 375 -25.49 3.55 -14.59
C GLU A 375 -25.72 4.14 -15.98
N SER A 376 -26.39 3.38 -16.85
CA SER A 376 -26.69 3.83 -18.22
C SER A 376 -27.66 5.02 -18.24
N LYS A 377 -28.53 5.10 -17.24
CA LYS A 377 -29.45 6.22 -17.09
C LYS A 377 -28.91 7.23 -16.06
N CYS A 378 -27.81 7.89 -16.41
CA CYS A 378 -27.14 8.83 -15.50
C CYS A 378 -26.53 10.04 -16.23
N SER A 379 -25.41 10.54 -15.71
CA SER A 379 -24.70 11.74 -16.22
C SER A 379 -25.42 13.04 -15.84
N LEU A 399 -23.72 -3.58 -37.07
CA LEU A 399 -24.82 -4.54 -37.03
C LEU A 399 -25.68 -4.35 -35.79
N LYS A 400 -26.95 -3.99 -36.00
CA LYS A 400 -27.89 -3.77 -34.90
C LYS A 400 -28.77 -5.00 -34.66
N PHE A 401 -28.71 -5.54 -33.45
CA PHE A 401 -29.46 -6.73 -33.08
C PHE A 401 -30.58 -6.42 -32.09
N LYS A 402 -31.62 -7.26 -32.10
CA LYS A 402 -32.67 -7.19 -31.07
C LYS A 402 -32.08 -7.67 -29.75
N LEU A 403 -32.02 -6.77 -28.77
CA LEU A 403 -31.37 -7.05 -27.49
C LEU A 403 -32.12 -8.04 -26.62
N PHE A 404 -31.37 -8.93 -25.98
CA PHE A 404 -31.93 -9.86 -25.00
C PHE A 404 -31.10 -9.84 -23.72
N GLU A 405 -31.66 -9.20 -22.69
CA GLU A 405 -31.05 -9.14 -21.37
C GLU A 405 -32.05 -9.65 -20.33
N PRO A 406 -32.00 -10.96 -20.02
CA PRO A 406 -32.90 -11.54 -19.01
C PRO A 406 -32.64 -11.01 -17.60
N PHE A 407 -31.41 -10.58 -17.32
CA PHE A 407 -31.00 -10.22 -15.96
C PHE A 407 -31.06 -8.71 -15.65
N LYS A 408 -31.86 -7.97 -16.42
CA LYS A 408 -31.99 -6.50 -16.27
C LYS A 408 -32.18 -6.00 -14.83
N TYR A 409 -32.82 -6.79 -13.99
CA TYR A 409 -33.20 -6.36 -12.64
C TYR A 409 -32.46 -7.09 -11.53
N LEU A 410 -31.39 -7.81 -11.89
CA LEU A 410 -30.65 -8.63 -10.94
C LEU A 410 -29.36 -7.96 -10.45
N PHE A 411 -28.82 -8.50 -9.36
CA PHE A 411 -27.56 -8.03 -8.79
C PHE A 411 -26.55 -9.19 -8.74
N LYS A 412 -25.29 -8.88 -8.42
CA LYS A 412 -24.22 -9.88 -8.39
C LYS A 412 -24.56 -11.12 -7.55
N ASP A 413 -25.11 -10.89 -6.36
CA ASP A 413 -25.48 -11.98 -5.44
C ASP A 413 -26.64 -12.84 -5.96
N ASP A 414 -27.50 -12.25 -6.78
CA ASP A 414 -28.60 -12.99 -7.42
C ASP A 414 -28.04 -13.92 -8.49
N VAL A 415 -27.06 -13.43 -9.24
CA VAL A 415 -26.40 -14.20 -10.30
C VAL A 415 -25.55 -15.32 -9.71
N LYS A 416 -24.95 -15.06 -8.55
CA LYS A 416 -24.15 -16.07 -7.85
C LYS A 416 -24.98 -17.30 -7.44
N THR A 417 -26.19 -17.08 -6.92
CA THR A 417 -27.04 -18.19 -6.48
C THR A 417 -27.72 -18.89 -7.66
N LEU A 418 -27.95 -18.14 -8.73
CA LEU A 418 -28.47 -18.68 -10.00
C LEU A 418 -27.48 -19.66 -10.65
N SER A 419 -26.18 -19.41 -10.45
CA SER A 419 -25.13 -20.30 -10.96
C SER A 419 -25.08 -21.60 -10.18
N ARG A 420 -25.43 -21.54 -8.89
CA ARG A 420 -25.50 -22.71 -8.03
C ARG A 420 -26.69 -23.59 -8.40
N GLU A 421 -27.79 -22.95 -8.82
CA GLU A 421 -28.98 -23.65 -9.26
C GLU A 421 -28.81 -24.34 -10.62
N LEU A 422 -27.74 -23.98 -11.33
CA LEU A 422 -27.35 -24.65 -12.57
C LEU A 422 -26.29 -25.71 -12.27
N ASN A 423 -25.90 -25.81 -11.00
CA ASN A 423 -24.83 -26.71 -10.54
C ASN A 423 -23.50 -26.54 -11.29
N LEU A 424 -23.18 -25.30 -11.64
CA LEU A 424 -21.90 -24.95 -12.27
C LEU A 424 -20.76 -25.08 -11.27
N PRO A 425 -19.52 -25.28 -11.76
CA PRO A 425 -18.38 -25.40 -10.85
C PRO A 425 -18.26 -24.19 -9.93
N GLU A 426 -17.70 -24.40 -8.74
CA GLU A 426 -17.52 -23.32 -7.76
C GLU A 426 -16.58 -22.23 -8.29
N GLU A 427 -15.66 -22.62 -9.18
CA GLU A 427 -14.66 -21.70 -9.73
C GLU A 427 -15.26 -20.49 -10.47
N ILE A 428 -16.38 -20.70 -11.16
CA ILE A 428 -17.04 -19.61 -11.90
C ILE A 428 -17.88 -18.71 -10.98
N THR A 429 -18.36 -19.29 -9.88
CA THR A 429 -19.19 -18.56 -8.91
C THR A 429 -18.33 -17.65 -8.00
N ASN A 430 -17.10 -18.08 -7.73
CA ASN A 430 -16.23 -17.37 -6.81
C ASN A 430 -15.32 -16.33 -7.46
N ARG A 431 -14.99 -16.52 -8.74
CA ARG A 431 -13.93 -15.74 -9.39
C ARG A 431 -14.25 -14.26 -9.54
N HIS A 432 -13.24 -13.44 -9.22
CA HIS A 432 -13.37 -11.98 -9.19
C HIS A 432 -13.73 -11.41 -10.56
N PRO A 433 -14.43 -10.25 -10.59
CA PRO A 433 -14.72 -9.60 -11.86
C PRO A 433 -13.45 -9.18 -12.60
N PHE A 434 -13.53 -9.15 -13.92
CA PHE A 434 -12.40 -8.74 -14.75
C PHE A 434 -12.87 -7.73 -15.80
N PRO A 435 -12.24 -6.55 -15.82
CA PRO A 435 -12.68 -5.47 -16.72
C PRO A 435 -12.49 -5.80 -18.20
N GLY A 436 -13.33 -5.21 -19.05
CA GLY A 436 -13.24 -5.40 -20.50
C GLY A 436 -11.88 -5.04 -21.10
N PRO A 437 -11.35 -3.84 -20.76
CA PRO A 437 -10.03 -3.41 -21.26
C PRO A 437 -8.87 -4.21 -20.68
N GLY A 438 -9.14 -5.03 -19.67
CA GLY A 438 -8.17 -6.01 -19.15
C GLY A 438 -6.95 -5.41 -18.48
N LEU A 439 -5.78 -5.81 -18.97
CA LEU A 439 -4.50 -5.37 -18.41
C LEU A 439 -4.02 -4.02 -18.96
N ALA A 440 -4.72 -3.51 -19.98
CA ALA A 440 -4.39 -2.19 -20.54
C ALA A 440 -4.55 -1.10 -19.48
N ILE A 441 -5.62 -1.18 -18.71
CA ILE A 441 -5.83 -0.28 -17.57
C ILE A 441 -5.01 -0.67 -16.33
N ARG A 442 -4.27 -1.78 -16.42
CA ARG A 442 -3.44 -2.26 -15.31
C ARG A 442 -1.95 -2.11 -15.57
N VAL A 443 -1.61 -1.86 -16.83
CA VAL A 443 -0.27 -1.40 -17.19
C VAL A 443 -0.39 0.12 -17.29
N ILE A 444 0.29 0.82 -16.40
CA ILE A 444 0.17 2.27 -16.33
C ILE A 444 1.08 2.92 -17.36
N GLY A 445 0.47 3.64 -18.30
CA GLY A 445 1.20 4.25 -19.38
C GLY A 445 1.26 3.35 -20.60
N GLU A 446 2.32 3.52 -21.38
CA GLU A 446 2.51 2.82 -22.66
C GLU A 446 2.46 1.31 -22.49
N ILE A 447 1.58 0.66 -23.26
CA ILE A 447 1.40 -0.79 -23.20
C ILE A 447 2.16 -1.49 -24.34
N ASN A 448 2.98 -2.47 -23.97
CA ASN A 448 3.64 -3.36 -24.93
C ASN A 448 3.69 -4.80 -24.41
N LYS A 449 4.16 -5.72 -25.24
CA LYS A 449 4.19 -7.15 -24.90
C LYS A 449 5.20 -7.51 -23.81
N HIS A 450 6.26 -6.71 -23.68
CA HIS A 450 7.29 -6.91 -22.66
C HIS A 450 6.72 -6.64 -21.27
N LYS A 451 5.99 -5.54 -21.14
CA LYS A 451 5.34 -5.16 -19.88
C LYS A 451 4.25 -6.16 -19.50
N LEU A 452 3.36 -6.48 -20.45
CA LEU A 452 2.28 -7.45 -20.24
C LEU A 452 2.78 -8.77 -19.68
N ASN A 453 3.84 -9.31 -20.26
CA ASN A 453 4.46 -10.55 -19.79
C ASN A 453 4.93 -10.47 -18.33
N ILE A 454 5.57 -9.35 -17.96
CA ILE A 454 5.99 -9.14 -16.58
C ILE A 454 4.78 -9.08 -15.62
N LEU A 455 3.76 -8.28 -15.97
CA LEU A 455 2.54 -8.19 -15.18
C LEU A 455 1.85 -9.54 -15.05
N ARG A 456 1.79 -10.28 -16.15
CA ARG A 456 1.18 -11.62 -16.16
C ARG A 456 1.84 -12.56 -15.16
N GLU A 457 3.15 -12.44 -15.00
CA GLU A 457 3.89 -13.27 -14.03
C GLU A 457 3.55 -12.88 -12.60
N VAL A 458 3.61 -11.58 -12.32
CA VAL A 458 3.33 -11.03 -10.98
C VAL A 458 1.88 -11.31 -10.54
N ASP A 459 0.93 -11.02 -11.43
CA ASP A 459 -0.48 -11.26 -11.15
C ASP A 459 -0.79 -12.73 -10.91
N ASP A 460 -0.12 -13.60 -11.66
CA ASP A 460 -0.30 -15.05 -11.55
C ASP A 460 0.14 -15.57 -10.18
N ILE A 461 1.34 -15.18 -9.76
CA ILE A 461 1.86 -15.55 -8.45
C ILE A 461 0.95 -15.03 -7.35
N PHE A 462 0.47 -13.79 -7.53
CA PHE A 462 -0.42 -13.17 -6.57
C PHE A 462 -1.71 -13.95 -6.40
N ILE A 463 -2.39 -14.23 -7.52
CA ILE A 463 -3.70 -14.89 -7.50
C ILE A 463 -3.63 -16.33 -6.98
N ASN A 464 -2.68 -17.11 -7.52
CA ASN A 464 -2.44 -18.49 -7.09
C ASN A 464 -2.24 -18.58 -5.58
N ASP A 465 -1.41 -17.69 -5.04
CA ASP A 465 -1.12 -17.67 -3.60
C ASP A 465 -2.32 -17.28 -2.74
N LEU A 466 -3.13 -16.34 -3.21
CA LEU A 466 -4.36 -15.98 -2.51
C LEU A 466 -5.34 -17.17 -2.43
N LYS A 467 -5.32 -18.02 -3.47
CA LYS A 467 -6.08 -19.25 -3.48
C LYS A 467 -5.43 -20.30 -2.59
N GLN A 468 -4.09 -20.38 -2.65
CA GLN A 468 -3.32 -21.36 -1.87
C GLN A 468 -3.47 -21.14 -0.36
N TYR A 469 -3.53 -19.87 0.04
CA TYR A 469 -3.70 -19.51 1.45
C TYR A 469 -5.16 -19.21 1.80
N GLY A 470 -6.07 -19.55 0.88
CA GLY A 470 -7.52 -19.50 1.11
C GLY A 470 -8.11 -18.13 1.40
N LEU A 471 -7.56 -17.09 0.78
CA LEU A 471 -8.06 -15.73 0.95
C LEU A 471 -8.90 -15.29 -0.24
N TYR A 472 -8.65 -15.93 -1.39
CA TYR A 472 -9.32 -15.59 -2.65
C TYR A 472 -10.84 -15.42 -2.52
N ASN A 473 -11.50 -16.39 -1.89
CA ASN A 473 -12.96 -16.40 -1.81
C ASN A 473 -13.58 -15.27 -0.98
N GLN A 474 -12.84 -14.79 0.04
CA GLN A 474 -13.34 -13.68 0.88
C GLN A 474 -12.93 -12.28 0.37
N ILE A 475 -12.12 -12.26 -0.69
CA ILE A 475 -11.79 -11.01 -1.39
C ILE A 475 -12.74 -10.83 -2.57
N SER A 476 -13.26 -9.62 -2.75
CA SER A 476 -14.16 -9.31 -3.87
C SER A 476 -13.41 -9.22 -5.20
N GLN A 477 -12.26 -8.55 -5.18
CA GLN A 477 -11.44 -8.36 -6.37
C GLN A 477 -9.99 -8.07 -5.99
N ALA A 478 -9.08 -8.87 -6.55
CA ALA A 478 -7.66 -8.72 -6.31
C ALA A 478 -6.88 -8.84 -7.62
N PHE A 479 -5.84 -8.04 -7.74
CA PHE A 479 -5.03 -8.02 -8.96
C PHE A 479 -3.71 -7.27 -8.77
N ALA A 480 -2.80 -7.47 -9.72
CA ALA A 480 -1.54 -6.76 -9.75
C ALA A 480 -1.58 -5.60 -10.75
N VAL A 481 -0.76 -4.60 -10.51
CA VAL A 481 -0.65 -3.43 -11.37
C VAL A 481 0.83 -3.19 -11.64
N LEU A 482 1.15 -2.71 -12.83
CA LEU A 482 2.51 -2.37 -13.19
C LEU A 482 2.63 -0.87 -13.48
N LEU A 483 3.59 -0.22 -12.84
CA LEU A 483 3.80 1.22 -13.02
C LEU A 483 4.93 1.53 -14.01
N SER A 484 4.80 2.66 -14.68
CA SER A 484 5.83 3.17 -15.60
C SER A 484 7.03 3.76 -14.84
N SER A 485 6.77 4.20 -13.60
CA SER A 485 7.84 4.63 -12.68
C SER A 485 8.75 3.46 -12.29
N LYS A 486 9.98 3.80 -11.90
CA LYS A 486 11.00 2.79 -11.60
C LYS A 486 11.72 3.05 -10.28
N SER A 487 12.31 2.00 -9.72
CA SER A 487 13.12 2.08 -8.52
C SER A 487 14.39 1.25 -8.69
N VAL A 488 15.37 1.45 -7.80
CA VAL A 488 16.68 0.80 -7.92
C VAL A 488 16.60 -0.70 -7.67
N TYR A 497 18.02 -0.50 -12.75
CA TYR A 497 16.67 0.00 -12.51
C TYR A 497 15.62 -0.89 -13.16
N ASP A 498 14.54 -1.18 -12.43
CA ASP A 498 13.46 -2.05 -12.93
C ASP A 498 12.07 -1.55 -12.54
N TYR A 499 11.03 -2.24 -13.04
CA TYR A 499 9.63 -1.83 -12.87
C TYR A 499 9.09 -2.03 -11.46
N VAL A 500 8.15 -1.16 -11.07
CA VAL A 500 7.53 -1.20 -9.75
C VAL A 500 6.10 -1.75 -9.85
N CYS A 501 5.80 -2.77 -9.06
CA CYS A 501 4.49 -3.41 -9.06
C CYS A 501 3.67 -3.08 -7.82
N VAL A 502 2.36 -2.95 -8.02
CA VAL A 502 1.42 -2.71 -6.93
C VAL A 502 0.44 -3.88 -6.82
N LEU A 503 0.23 -4.37 -5.60
CA LEU A 503 -0.80 -5.36 -5.33
C LEU A 503 -2.07 -4.69 -4.85
N ARG A 504 -3.17 -4.97 -5.53
CA ARG A 504 -4.47 -4.39 -5.20
C ARG A 504 -5.43 -5.49 -4.77
N ALA A 505 -6.14 -5.27 -3.66
CA ALA A 505 -7.16 -6.21 -3.18
C ALA A 505 -8.22 -5.45 -2.38
N VAL A 506 -9.49 -5.70 -2.69
CA VAL A 506 -10.60 -4.99 -2.06
C VAL A 506 -11.79 -5.88 -1.65
N LYS A 507 -12.58 -5.40 -0.68
CA LYS A 507 -13.91 -5.92 -0.41
C LYS A 507 -14.92 -4.87 -0.85
N THR A 508 -15.90 -5.29 -1.64
CA THR A 508 -16.82 -4.36 -2.30
C THR A 508 -18.26 -4.54 -1.84
N SER A 509 -18.95 -3.42 -1.61
CA SER A 509 -20.38 -3.42 -1.27
C SER A 509 -21.25 -3.33 -2.53
N SER A 510 -20.87 -2.42 -3.43
CA SER A 510 -21.56 -2.22 -4.71
C SER A 510 -20.63 -1.58 -5.74
N PHE A 511 -21.20 -1.03 -6.81
CA PHE A 511 -20.40 -0.42 -7.88
C PHE A 511 -19.48 0.70 -7.39
N MET A 512 -20.00 1.56 -6.52
CA MET A 512 -19.34 2.83 -6.18
C MET A 512 -18.65 2.86 -4.80
N THR A 513 -18.75 1.78 -4.02
CA THR A 513 -18.16 1.74 -2.68
C THR A 513 -17.37 0.46 -2.41
N ALA A 514 -16.12 0.63 -1.95
CA ALA A 514 -15.22 -0.49 -1.65
C ALA A 514 -14.18 -0.15 -0.59
N ASN A 515 -13.76 -1.17 0.17
CA ASN A 515 -12.70 -1.07 1.17
C ASN A 515 -11.49 -1.88 0.76
N TRP A 516 -10.29 -1.36 1.04
CA TRP A 516 -9.06 -2.09 0.74
C TRP A 516 -8.91 -3.25 1.70
N TYR A 517 -8.50 -4.40 1.15
CA TYR A 517 -8.41 -5.64 1.92
C TYR A 517 -7.14 -5.70 2.76
N GLN A 518 -7.29 -6.19 3.98
CA GLN A 518 -6.18 -6.28 4.92
C GLN A 518 -5.66 -7.70 4.93
N ILE A 519 -4.71 -7.96 4.05
CA ILE A 519 -4.06 -9.27 3.95
C ILE A 519 -3.16 -9.46 5.16
N PRO A 520 -3.38 -10.55 5.94
CA PRO A 520 -2.48 -10.92 7.03
C PRO A 520 -1.03 -10.73 6.64
N TYR A 521 -0.26 -10.06 7.50
CA TYR A 521 1.13 -9.69 7.19
C TYR A 521 2.05 -10.88 6.90
N ASP A 522 1.76 -12.02 7.53
CA ASP A 522 2.56 -13.23 7.30
C ASP A 522 2.39 -13.75 5.87
N ILE A 523 1.14 -13.77 5.40
CA ILE A 523 0.82 -14.22 4.03
C ILE A 523 1.37 -13.23 2.98
N LEU A 524 1.10 -11.94 3.19
CA LEU A 524 1.57 -10.87 2.30
C LEU A 524 3.08 -10.91 2.12
N ASP A 525 3.81 -11.14 3.22
CA ASP A 525 5.26 -11.27 3.19
C ASP A 525 5.69 -12.43 2.30
N LYS A 526 5.00 -13.56 2.42
CA LYS A 526 5.28 -14.75 1.59
C LYS A 526 4.99 -14.50 0.11
N ILE A 527 3.90 -13.78 -0.16
CA ILE A 527 3.52 -13.41 -1.53
C ILE A 527 4.56 -12.45 -2.14
N THR A 528 4.93 -11.41 -1.38
CA THR A 528 5.90 -10.41 -1.87
C THR A 528 7.30 -10.96 -2.06
N THR A 529 7.74 -11.83 -1.14
CA THR A 529 9.04 -12.49 -1.24
C THR A 529 9.12 -13.35 -2.50
N ARG A 530 8.04 -14.10 -2.76
CA ARG A 530 7.96 -14.98 -3.92
C ARG A 530 8.10 -14.19 -5.23
N ILE A 531 7.33 -13.11 -5.37
CA ILE A 531 7.30 -12.28 -6.59
C ILE A 531 8.68 -11.70 -6.95
N LEU A 532 9.35 -11.14 -5.94
CA LEU A 532 10.62 -10.45 -6.13
C LEU A 532 11.79 -11.36 -6.50
N SER A 533 11.70 -12.64 -6.15
CA SER A 533 12.74 -13.61 -6.51
C SER A 533 12.43 -14.34 -7.82
N GLU A 534 11.14 -14.62 -8.05
CA GLU A 534 10.71 -15.36 -9.23
C GLU A 534 10.66 -14.54 -10.51
N VAL A 535 10.15 -13.31 -10.41
CA VAL A 535 9.93 -12.45 -11.57
C VAL A 535 11.10 -11.50 -11.77
N LYS A 536 11.87 -11.73 -12.83
CA LYS A 536 12.93 -10.82 -13.23
C LYS A 536 12.31 -9.57 -13.87
N GLY A 537 12.81 -8.39 -13.47
CA GLY A 537 12.30 -7.13 -13.99
C GLY A 537 11.48 -6.33 -12.98
N VAL A 538 11.22 -6.93 -11.82
CA VAL A 538 10.54 -6.25 -10.72
C VAL A 538 11.45 -6.25 -9.51
N ASN A 539 11.70 -5.06 -8.98
CA ASN A 539 12.53 -4.89 -7.78
C ASN A 539 11.81 -4.26 -6.58
N ARG A 540 10.51 -3.99 -6.74
CA ARG A 540 9.72 -3.37 -5.69
C ARG A 540 8.24 -3.73 -5.79
N ILE A 541 7.68 -4.14 -4.66
CA ILE A 541 6.26 -4.42 -4.54
C ILE A 541 5.62 -3.45 -3.54
N LEU A 542 4.56 -2.78 -3.97
CA LEU A 542 3.78 -1.90 -3.12
C LEU A 542 2.39 -2.49 -2.91
N TYR A 543 1.73 -2.09 -1.83
CA TYR A 543 0.36 -2.52 -1.57
C TYR A 543 -0.57 -1.34 -1.44
N ASP A 544 -1.67 -1.39 -2.18
CA ASP A 544 -2.65 -0.31 -2.18
C ASP A 544 -3.46 -0.34 -0.89
N VAL A 545 -3.48 0.79 -0.19
CA VAL A 545 -4.16 0.88 1.09
C VAL A 545 -5.25 1.95 1.08
N SER A 546 -5.80 2.20 -0.11
CA SER A 546 -6.80 3.22 -0.33
C SER A 546 -8.17 2.61 -0.60
N SER A 547 -9.19 3.18 0.03
CA SER A 547 -10.57 2.75 -0.19
C SER A 547 -11.27 3.63 -1.21
N LYS A 548 -12.44 3.20 -1.65
CA LYS A 548 -13.25 3.94 -2.60
C LYS A 548 -14.56 4.40 -1.92
N PRO A 549 -14.73 5.72 -1.72
CA PRO A 549 -13.85 6.84 -2.10
C PRO A 549 -12.68 7.01 -1.13
N PRO A 550 -11.70 7.88 -1.47
CA PRO A 550 -11.62 8.75 -2.64
C PRO A 550 -11.02 8.10 -3.89
N ALA A 551 -10.25 7.02 -3.71
CA ALA A 551 -9.61 6.33 -4.80
C ALA A 551 -10.62 5.49 -5.58
N THR A 552 -10.16 4.90 -6.68
CA THR A 552 -10.95 3.93 -7.42
C THR A 552 -10.36 2.54 -7.17
N ILE A 553 -11.08 1.50 -7.56
CA ILE A 553 -10.57 0.12 -7.44
C ILE A 553 -9.34 -0.05 -8.33
N GLU A 554 -9.51 0.24 -9.63
CA GLU A 554 -8.41 0.24 -10.58
C GLU A 554 -7.58 1.51 -10.42
N PHE A 555 -6.38 1.51 -10.98
CA PHE A 555 -5.54 2.70 -11.02
C PHE A 555 -6.00 3.66 -12.13
N GLU A 556 -5.97 3.18 -13.37
CA GLU A 556 -6.39 3.97 -14.52
C GLU A 556 -7.90 3.93 -14.71
N LYS B 9 46.56 -6.16 13.54
CA LYS B 9 45.34 -5.83 12.75
C LYS B 9 44.77 -7.05 12.05
N ILE B 10 43.44 -7.16 12.02
CA ILE B 10 42.75 -8.25 11.34
C ILE B 10 42.30 -7.79 9.95
N LEU B 11 42.53 -8.65 8.95
CA LEU B 11 42.06 -8.41 7.60
C LEU B 11 40.66 -8.98 7.40
N VAL B 12 39.79 -8.21 6.77
CA VAL B 12 38.43 -8.65 6.47
C VAL B 12 38.07 -8.26 5.03
N LEU B 13 38.04 -9.26 4.16
CA LEU B 13 37.83 -9.02 2.73
C LEU B 13 36.37 -9.16 2.31
N ASN B 14 35.91 -8.18 1.53
CA ASN B 14 34.53 -8.11 1.09
C ASN B 14 34.25 -8.99 -0.14
N PHE B 15 33.38 -9.98 0.05
CA PHE B 15 32.88 -10.79 -1.05
C PHE B 15 31.46 -10.37 -1.42
N GLY B 16 31.06 -9.19 -0.94
CA GLY B 16 29.76 -8.59 -1.28
C GLY B 16 28.60 -9.04 -0.41
N SER B 17 28.88 -9.29 0.87
CA SER B 17 27.85 -9.75 1.80
C SER B 17 26.98 -8.59 2.29
N GLN B 18 25.69 -8.88 2.47
CA GLN B 18 24.75 -7.92 3.06
C GLN B 18 25.03 -7.72 4.56
N TYR B 19 25.89 -8.56 5.12
CA TYR B 19 26.22 -8.52 6.54
C TYR B 19 27.65 -8.06 6.81
N PHE B 20 28.31 -7.51 5.79
CA PHE B 20 29.73 -7.12 5.89
C PHE B 20 30.04 -6.14 7.03
N HIS B 21 29.09 -5.26 7.32
CA HIS B 21 29.27 -4.27 8.37
C HIS B 21 29.14 -4.89 9.76
N LEU B 22 28.34 -5.96 9.85
CA LEU B 22 28.09 -6.65 11.11
C LEU B 22 29.31 -7.42 11.64
N ILE B 23 30.09 -8.01 10.73
CA ILE B 23 31.36 -8.65 11.10
C ILE B 23 32.38 -7.62 11.59
N VAL B 24 32.38 -6.46 10.95
CA VAL B 24 33.20 -5.33 11.38
C VAL B 24 32.75 -4.82 12.76
N LYS B 25 31.44 -4.81 12.99
CA LYS B 25 30.87 -4.38 14.27
C LYS B 25 31.21 -5.32 15.42
N ARG B 26 31.30 -6.62 15.12
CA ARG B 26 31.67 -7.62 16.13
C ARG B 26 33.14 -7.51 16.51
N LEU B 27 33.98 -7.16 15.54
CA LEU B 27 35.40 -6.93 15.80
C LEU B 27 35.60 -5.63 16.60
N ASN B 28 34.66 -4.69 16.43
CA ASN B 28 34.63 -3.48 17.25
C ASN B 28 34.20 -3.77 18.68
N ASN B 29 33.29 -4.73 18.84
CA ASN B 29 32.86 -5.18 20.17
C ASN B 29 34.00 -5.85 20.94
N ILE B 30 34.76 -6.70 20.24
CA ILE B 30 35.92 -7.40 20.82
C ILE B 30 37.14 -6.50 20.98
N LYS B 31 37.06 -5.27 20.48
CA LYS B 31 38.12 -4.27 20.62
C LYS B 31 39.28 -4.51 19.66
N ILE B 32 38.98 -5.12 18.52
CA ILE B 32 39.99 -5.43 17.51
C ILE B 32 39.91 -4.44 16.35
N PHE B 33 41.07 -3.96 15.90
CA PHE B 33 41.19 -3.07 14.75
C PHE B 33 40.93 -3.85 13.45
N SER B 34 40.16 -3.24 12.54
CA SER B 34 39.82 -3.88 11.26
C SER B 34 40.48 -3.15 10.09
N GLU B 35 40.87 -3.92 9.08
CA GLU B 35 41.32 -3.35 7.81
C GLU B 35 40.47 -3.90 6.68
N THR B 36 39.42 -3.16 6.34
CA THR B 36 38.44 -3.58 5.34
C THR B 36 38.98 -3.40 3.92
N LYS B 37 38.81 -4.45 3.09
CA LYS B 37 39.25 -4.42 1.70
C LYS B 37 38.38 -5.30 0.80
N ASP B 38 38.62 -5.23 -0.52
CA ASP B 38 37.83 -5.97 -1.51
C ASP B 38 38.44 -7.35 -1.80
N TYR B 39 37.66 -8.20 -2.48
CA TYR B 39 38.11 -9.54 -2.87
C TYR B 39 39.11 -9.47 -4.01
N LYS B 44 48.16 -8.49 -3.78
CA LYS B 44 47.72 -7.14 -3.46
C LYS B 44 48.63 -6.50 -2.40
N ASP B 45 48.38 -5.21 -2.12
CA ASP B 45 49.16 -4.47 -1.12
C ASP B 45 48.72 -4.82 0.31
N ILE B 46 49.30 -5.90 0.85
CA ILE B 46 48.96 -6.38 2.19
C ILE B 46 50.20 -6.82 2.98
N LYS B 47 51.34 -6.94 2.30
CA LYS B 47 52.59 -7.42 2.89
C LYS B 47 53.24 -6.42 3.86
N ASP B 48 53.00 -5.12 3.61
CA ASP B 48 53.56 -4.06 4.45
C ASP B 48 52.78 -3.86 5.76
N MET B 49 51.52 -4.29 5.76
CA MET B 49 50.64 -4.16 6.93
C MET B 49 50.93 -5.23 8.00
N ASN B 50 50.56 -4.93 9.23
CA ASN B 50 50.67 -5.89 10.34
C ASN B 50 49.39 -6.72 10.49
N ILE B 51 49.27 -7.74 9.65
CA ILE B 51 48.11 -8.64 9.68
C ILE B 51 48.40 -9.86 10.56
N LYS B 52 47.46 -10.16 11.45
CA LYS B 52 47.57 -11.33 12.34
C LYS B 52 46.47 -12.35 12.09
N GLY B 53 45.55 -12.04 11.18
CA GLY B 53 44.45 -12.94 10.84
C GLY B 53 43.57 -12.39 9.73
N VAL B 54 42.97 -13.28 8.94
CA VAL B 54 42.11 -12.90 7.82
C VAL B 54 40.72 -13.55 7.86
N ILE B 55 39.71 -12.72 7.63
CA ILE B 55 38.31 -13.17 7.61
C ILE B 55 37.73 -13.01 6.19
N LEU B 56 37.11 -14.08 5.71
CA LEU B 56 36.48 -14.08 4.38
C LEU B 56 34.97 -14.01 4.55
N SER B 57 34.36 -12.97 3.98
CA SER B 57 32.92 -12.70 4.16
C SER B 57 32.02 -13.63 3.33
N GLY B 58 30.71 -13.41 3.43
CA GLY B 58 29.73 -14.15 2.63
C GLY B 58 29.41 -13.44 1.34
N GLY B 59 28.27 -13.78 0.73
CA GLY B 59 27.84 -13.17 -0.53
C GLY B 59 26.67 -13.87 -1.20
N PRO B 60 25.97 -13.16 -2.11
CA PRO B 60 24.80 -13.72 -2.80
C PRO B 60 25.17 -14.58 -4.01
N TYR B 61 26.39 -14.41 -4.53
CA TYR B 61 26.88 -15.10 -5.73
C TYR B 61 26.86 -16.63 -5.62
N SER B 62 27.20 -17.14 -4.42
CA SER B 62 27.18 -18.58 -4.11
C SER B 62 28.00 -19.43 -5.08
N GLU B 74 44.06 -13.44 -6.37
CA GLU B 74 43.88 -13.78 -4.97
C GLU B 74 45.20 -14.21 -4.31
N VAL B 75 45.47 -13.64 -3.13
CA VAL B 75 46.70 -13.93 -2.38
C VAL B 75 46.47 -15.00 -1.31
N PHE B 76 45.87 -16.11 -1.72
CA PHE B 76 45.57 -17.23 -0.83
C PHE B 76 46.84 -17.93 -0.32
N GLU B 77 47.84 -18.02 -1.19
CA GLU B 77 49.11 -18.69 -0.87
C GLU B 77 49.87 -17.98 0.25
N TYR B 78 49.85 -16.64 0.23
CA TYR B 78 50.50 -15.82 1.26
C TYR B 78 49.92 -16.07 2.66
N PHE B 79 48.62 -16.31 2.72
CA PHE B 79 47.93 -16.59 3.99
C PHE B 79 48.45 -17.88 4.62
N LEU B 80 48.53 -18.94 3.81
CA LEU B 80 49.04 -20.24 4.28
C LEU B 80 50.55 -20.22 4.52
N GLU B 81 51.29 -19.45 3.71
CA GLU B 81 52.75 -19.34 3.82
C GLU B 81 53.19 -18.57 5.07
N LYS B 82 52.69 -17.35 5.22
CA LYS B 82 53.02 -16.50 6.38
C LYS B 82 52.36 -17.00 7.68
N LYS B 83 51.57 -18.07 7.56
CA LYS B 83 50.83 -18.69 8.68
C LYS B 83 49.76 -17.75 9.26
N ILE B 84 49.13 -16.96 8.37
CA ILE B 84 47.99 -16.11 8.74
C ILE B 84 46.70 -16.92 8.62
N PRO B 85 46.05 -17.21 9.78
CA PRO B 85 44.85 -18.06 9.83
C PRO B 85 43.67 -17.45 9.07
N ILE B 86 42.89 -18.29 8.40
CA ILE B 86 41.71 -17.81 7.66
C ILE B 86 40.39 -18.23 8.34
N PHE B 87 39.42 -17.31 8.31
CA PHE B 87 38.09 -17.54 8.87
C PHE B 87 37.02 -17.21 7.83
N GLY B 88 36.45 -18.25 7.22
CA GLY B 88 35.47 -18.08 6.15
C GLY B 88 34.05 -18.26 6.63
N ILE B 89 33.21 -17.25 6.36
CA ILE B 89 31.79 -17.33 6.68
C ILE B 89 30.96 -17.48 5.39
N CYS B 90 29.98 -18.38 5.43
CA CYS B 90 29.08 -18.64 4.28
C CYS B 90 29.86 -18.89 2.98
N TYR B 91 29.96 -17.88 2.13
CA TYR B 91 30.69 -17.98 0.88
C TYR B 91 32.17 -18.21 1.13
N GLY B 92 32.71 -17.51 2.14
CA GLY B 92 34.12 -17.63 2.52
C GLY B 92 34.55 -19.04 2.86
N MET B 93 33.68 -19.76 3.58
CA MET B 93 33.92 -21.17 3.90
C MET B 93 34.01 -21.99 2.62
N GLN B 94 33.05 -21.75 1.72
CA GLN B 94 32.94 -22.47 0.45
C GLN B 94 34.08 -22.15 -0.51
N GLU B 95 34.51 -20.88 -0.53
CA GLU B 95 35.64 -20.48 -1.36
C GLU B 95 36.93 -21.11 -0.83
N ILE B 96 37.10 -21.07 0.50
CA ILE B 96 38.24 -21.72 1.16
C ILE B 96 38.29 -23.21 0.80
N ALA B 97 37.13 -23.86 0.85
CA ALA B 97 36.99 -25.27 0.44
C ALA B 97 37.41 -25.49 -1.01
N VAL B 98 37.00 -24.56 -1.89
CA VAL B 98 37.40 -24.59 -3.30
C VAL B 98 38.93 -24.41 -3.44
N GLN B 99 39.48 -23.41 -2.75
CA GLN B 99 40.92 -23.14 -2.78
C GLN B 99 41.74 -24.30 -2.20
N MET B 100 41.16 -25.01 -1.24
CA MET B 100 41.81 -26.14 -0.58
C MET B 100 41.31 -27.48 -1.16
N ASN B 101 40.62 -27.39 -2.30
CA ASN B 101 40.09 -28.56 -3.03
C ASN B 101 39.23 -29.50 -2.18
N TYR B 112 17.30 -21.19 5.76
CA TYR B 112 17.73 -19.91 6.33
C TYR B 112 16.91 -19.53 7.57
N GLY B 113 17.61 -19.02 8.58
CA GLY B 113 16.97 -18.58 9.83
C GLY B 113 17.75 -18.99 11.08
N CYS B 114 17.10 -18.88 12.24
CA CYS B 114 17.71 -19.26 13.51
C CYS B 114 17.64 -20.79 13.72
N THR B 115 18.77 -21.46 13.47
CA THR B 115 18.85 -22.92 13.60
C THR B 115 19.84 -23.36 14.68
N ASP B 116 19.54 -24.48 15.34
CA ASP B 116 20.40 -25.04 16.39
C ASP B 116 21.36 -26.11 15.83
N VAL B 117 22.65 -25.76 15.75
CA VAL B 117 23.68 -26.68 15.25
C VAL B 117 24.36 -27.47 16.38
N ASN B 118 24.74 -28.71 16.07
CA ASN B 118 25.38 -29.60 17.05
C ASN B 118 26.89 -29.67 16.88
N ILE B 119 27.62 -29.45 17.97
CA ILE B 119 29.08 -29.47 17.97
C ILE B 119 29.59 -30.90 18.15
N ASN B 124 30.33 -37.54 21.49
CA ASN B 124 29.60 -36.41 20.95
C ASN B 124 28.77 -36.75 19.71
N ILE B 125 29.19 -37.78 18.98
CA ILE B 125 28.52 -38.23 17.75
C ILE B 125 27.16 -38.89 18.00
N ASN B 126 26.99 -39.45 19.19
CA ASN B 126 25.73 -40.10 19.58
C ASN B 126 24.59 -39.10 19.82
N ASN B 127 24.96 -37.84 20.02
CA ASN B 127 23.98 -36.76 20.25
C ASN B 127 23.15 -36.41 19.01
N ILE B 128 23.72 -36.63 17.83
CA ILE B 128 23.04 -36.36 16.56
C ILE B 128 21.80 -37.26 16.44
N THR B 129 20.62 -36.65 16.56
CA THR B 129 19.36 -37.38 16.62
C THR B 129 18.74 -37.64 15.24
N TYR B 130 18.84 -36.64 14.36
CA TYR B 130 18.18 -36.67 13.04
C TYR B 130 18.80 -37.69 12.06
N CYS B 131 20.12 -37.59 11.86
CA CYS B 131 20.87 -38.44 10.91
C CYS B 131 20.19 -38.57 9.54
N ALA B 140 22.64 -44.46 12.50
CA ALA B 140 22.90 -43.19 13.19
C ALA B 140 24.39 -42.89 13.30
N MET B 141 25.18 -43.89 13.66
CA MET B 141 26.64 -43.75 13.79
C MET B 141 27.37 -44.12 12.49
N ASP B 142 26.62 -44.65 11.53
CA ASP B 142 27.19 -45.08 10.24
C ASP B 142 27.57 -43.92 9.32
N LEU B 143 26.87 -42.79 9.47
CA LEU B 143 27.09 -41.62 8.62
C LEU B 143 28.37 -40.85 8.98
N TYR B 144 28.56 -40.59 10.28
CA TYR B 144 29.74 -39.88 10.79
C TYR B 144 31.01 -40.71 10.66
N SER B 145 30.84 -42.02 10.45
CA SER B 145 31.96 -42.96 10.27
C SER B 145 32.81 -42.64 9.03
N ASN B 146 32.20 -41.98 8.05
CA ASN B 146 32.89 -41.62 6.80
C ASN B 146 33.77 -40.36 6.92
N TYR B 147 33.68 -39.67 8.06
CA TYR B 147 34.37 -38.40 8.25
C TYR B 147 35.29 -38.38 9.48
N LYS B 148 36.27 -37.47 9.47
CA LYS B 148 37.22 -37.30 10.57
C LYS B 148 36.71 -36.27 11.58
N LEU B 149 36.70 -36.66 12.86
CA LEU B 149 36.19 -35.79 13.93
C LEU B 149 37.21 -35.60 15.07
N MET B 150 37.33 -34.38 15.55
CA MET B 150 38.27 -34.02 16.63
C MET B 150 37.80 -34.54 17.98
N ASN B 151 38.75 -34.65 18.93
CA ASN B 151 38.46 -35.14 20.28
C ASN B 151 39.23 -34.38 21.35
N CYS B 154 37.86 -28.35 19.43
CA CYS B 154 38.10 -27.31 18.44
C CYS B 154 38.30 -25.95 19.12
N CYS B 155 39.30 -25.20 18.66
CA CYS B 155 39.71 -23.95 19.32
C CYS B 155 38.70 -22.79 19.19
N LEU B 156 37.94 -22.81 18.09
CA LEU B 156 36.99 -21.72 17.79
C LEU B 156 35.76 -21.73 18.69
N PHE B 157 35.45 -22.89 19.27
CA PHE B 157 34.28 -23.02 20.14
C PHE B 157 34.65 -23.08 21.63
N GLU B 158 35.87 -22.69 21.96
CA GLU B 158 36.37 -22.70 23.35
C GLU B 158 35.45 -21.95 24.29
N ASN B 159 35.24 -22.51 25.49
CA ASN B 159 34.37 -21.93 26.53
C ASN B 159 32.90 -21.75 26.11
N ILE B 160 32.46 -22.52 25.12
CA ILE B 160 31.07 -22.46 24.63
C ILE B 160 30.08 -23.09 25.63
N LYS B 161 30.60 -23.91 26.54
CA LYS B 161 29.79 -24.64 27.53
C LYS B 161 28.92 -25.73 26.90
N SER B 162 27.88 -25.32 26.17
CA SER B 162 26.93 -26.25 25.53
C SER B 162 27.50 -26.87 24.24
N ASP B 163 27.01 -28.06 23.91
CA ASP B 163 27.38 -28.75 22.67
C ASP B 163 26.40 -28.41 21.53
N ILE B 164 25.43 -27.55 21.84
CA ILE B 164 24.49 -27.03 20.85
C ILE B 164 24.53 -25.51 20.87
N THR B 165 24.47 -24.91 19.69
CA THR B 165 24.46 -23.44 19.56
C THR B 165 23.47 -22.96 18.51
N THR B 166 22.83 -21.83 18.79
CA THR B 166 21.89 -21.21 17.84
C THR B 166 22.64 -20.21 16.96
N VAL B 167 22.46 -20.36 15.65
CA VAL B 167 23.13 -19.53 14.65
C VAL B 167 22.17 -19.09 13.55
N TRP B 168 22.55 -18.02 12.83
CA TRP B 168 21.74 -17.53 11.72
C TRP B 168 22.21 -18.11 10.40
N MET B 169 21.25 -18.62 9.63
CA MET B 169 21.53 -19.19 8.31
C MET B 169 21.03 -18.29 7.19
N ASN B 170 21.73 -18.35 6.05
CA ASN B 170 21.35 -17.68 4.81
C ASN B 170 22.23 -18.15 3.67
N HIS B 171 21.89 -19.31 3.11
CA HIS B 171 22.70 -19.93 2.07
C HIS B 171 21.87 -20.86 1.17
N ASN B 172 22.25 -20.91 -0.10
CA ASN B 172 21.61 -21.81 -1.06
C ASN B 172 22.53 -22.95 -1.50
N ASP B 173 23.84 -22.77 -1.25
CA ASP B 173 24.85 -23.78 -1.59
C ASP B 173 25.51 -24.36 -0.33
N GLU B 174 25.96 -25.62 -0.44
CA GLU B 174 26.57 -26.32 0.69
C GLU B 174 27.76 -27.17 0.24
N VAL B 175 28.74 -27.32 1.13
CA VAL B 175 29.91 -28.17 0.87
C VAL B 175 29.48 -29.63 0.90
N THR B 176 29.71 -30.33 -0.20
CA THR B 176 29.34 -31.75 -0.33
C THR B 176 30.50 -32.68 0.00
N LYS B 177 31.72 -32.25 -0.35
CA LYS B 177 32.94 -33.02 -0.08
C LYS B 177 34.01 -32.14 0.57
N ILE B 178 34.45 -32.55 1.75
CA ILE B 178 35.46 -31.80 2.53
C ILE B 178 36.80 -31.67 1.80
N PRO B 179 37.47 -30.51 1.95
CA PRO B 179 38.79 -30.31 1.34
C PRO B 179 39.91 -31.01 2.15
N GLU B 180 41.04 -31.27 1.47
CA GLU B 180 42.28 -31.79 2.10
C GLU B 180 42.10 -32.71 3.32
N ASN B 181 42.82 -32.41 4.40
CA ASN B 181 42.72 -33.17 5.65
C ASN B 181 41.95 -32.37 6.70
N PHE B 182 40.68 -32.07 6.39
CA PHE B 182 39.82 -31.27 7.25
C PHE B 182 38.97 -32.11 8.20
N TYR B 183 38.73 -31.57 9.39
CA TYR B 183 37.83 -32.20 10.36
C TYR B 183 36.40 -31.69 10.15
N LEU B 184 35.44 -32.59 10.30
CA LEU B 184 34.04 -32.20 10.40
C LEU B 184 33.81 -31.83 11.86
N VAL B 185 33.45 -30.57 12.12
CA VAL B 185 33.42 -30.05 13.48
C VAL B 185 32.00 -29.90 14.03
N SER B 186 31.10 -29.34 13.22
CA SER B 186 29.70 -29.20 13.60
C SER B 186 28.77 -29.61 12.48
N SER B 187 27.54 -29.97 12.84
CA SER B 187 26.51 -30.35 11.87
C SER B 187 25.17 -29.67 12.17
N SER B 188 24.30 -29.65 11.17
CA SER B 188 22.96 -29.06 11.28
C SER B 188 21.93 -30.01 10.69
N GLU B 189 20.65 -29.76 11.00
CA GLU B 189 19.55 -30.60 10.51
C GLU B 189 19.48 -30.62 8.98
N ASN B 190 19.75 -29.46 8.37
CA ASN B 190 19.69 -29.31 6.91
C ASN B 190 21.08 -29.30 6.25
N CYS B 191 22.13 -29.33 7.08
CA CYS B 191 23.50 -29.28 6.58
C CYS B 191 24.43 -30.16 7.43
N LEU B 192 24.97 -31.21 6.81
CA LEU B 192 25.91 -32.11 7.50
C LEU B 192 27.27 -31.45 7.67
N ILE B 193 27.85 -30.98 6.56
CA ILE B 193 29.13 -30.28 6.57
C ILE B 193 28.85 -28.79 6.89
N CYS B 194 28.66 -28.51 8.17
CA CYS B 194 28.29 -27.16 8.63
C CYS B 194 29.50 -26.32 9.03
N SER B 195 30.42 -26.91 9.79
CA SER B 195 31.64 -26.23 10.22
C SER B 195 32.87 -27.11 10.04
N ILE B 196 33.94 -26.52 9.49
CA ILE B 196 35.18 -27.26 9.18
C ILE B 196 36.44 -26.62 9.79
N TYR B 197 37.45 -27.46 10.06
CA TYR B 197 38.71 -27.00 10.68
C TYR B 197 39.95 -27.72 10.15
N ASN B 198 40.97 -26.93 9.84
CA ASN B 198 42.28 -27.44 9.44
C ASN B 198 43.33 -27.01 10.47
N LYS B 199 44.06 -27.99 11.02
CA LYS B 199 45.07 -27.73 12.05
C LYS B 199 46.40 -27.20 11.49
N GLU B 200 46.73 -27.61 10.27
CA GLU B 200 48.00 -27.26 9.63
C GLU B 200 48.15 -25.77 9.34
N TYR B 201 47.08 -25.17 8.80
CA TYR B 201 47.10 -23.77 8.38
C TYR B 201 46.23 -22.86 9.25
N ASN B 202 45.65 -23.42 10.31
CA ASN B 202 44.68 -22.72 11.18
C ASN B 202 43.49 -22.15 10.39
N ILE B 203 42.98 -22.95 9.45
CA ILE B 203 41.83 -22.57 8.63
C ILE B 203 40.53 -22.93 9.36
N TYR B 204 39.61 -21.96 9.40
CA TYR B 204 38.30 -22.17 10.00
C TYR B 204 37.20 -21.81 9.01
N GLY B 205 36.14 -22.60 9.01
CA GLY B 205 35.03 -22.40 8.09
C GLY B 205 33.69 -22.72 8.72
N VAL B 206 32.77 -21.78 8.61
CA VAL B 206 31.40 -21.96 9.10
C VAL B 206 30.38 -21.56 8.02
N GLN B 207 29.36 -22.40 7.83
CA GLN B 207 28.30 -22.15 6.85
C GLN B 207 27.39 -21.00 7.28
N TYR B 208 27.12 -20.93 8.58
CA TYR B 208 26.24 -19.92 9.15
C TYR B 208 26.85 -18.51 9.18
N HIS B 209 26.12 -17.57 9.76
CA HIS B 209 26.56 -16.19 9.86
C HIS B 209 26.71 -15.79 11.33
N PRO B 210 27.93 -15.93 11.90
CA PRO B 210 28.21 -15.58 13.29
C PRO B 210 28.28 -14.07 13.54
N GLU B 211 28.28 -13.29 12.46
CA GLU B 211 28.40 -11.83 12.55
C GLU B 211 27.12 -11.12 13.02
N VAL B 212 25.97 -11.75 12.79
CA VAL B 212 24.68 -11.19 13.18
C VAL B 212 24.37 -11.49 14.65
N TYR B 213 23.48 -10.69 15.24
CA TYR B 213 23.07 -10.85 16.65
C TYR B 213 22.40 -12.20 16.89
N GLU B 214 21.61 -12.66 15.92
CA GLU B 214 20.87 -13.93 16.02
C GLU B 214 21.77 -15.12 16.37
N SER B 215 23.03 -15.08 15.91
CA SER B 215 24.04 -16.06 16.32
C SER B 215 24.44 -15.78 17.75
N LEU B 216 23.85 -16.53 18.68
CA LEU B 216 24.02 -16.31 20.12
C LEU B 216 25.48 -16.34 20.58
N ASP B 217 26.25 -17.31 20.07
CA ASP B 217 27.65 -17.46 20.45
C ASP B 217 28.60 -16.79 19.44
N GLY B 218 28.06 -15.80 18.70
CA GLY B 218 28.80 -15.10 17.66
C GLY B 218 30.06 -14.40 18.12
N GLU B 219 29.91 -13.53 19.13
CA GLU B 219 31.02 -12.74 19.67
C GLU B 219 32.15 -13.60 20.27
N LEU B 220 31.77 -14.71 20.90
CA LEU B 220 32.74 -15.64 21.48
C LEU B 220 33.63 -16.29 20.41
N MET B 221 33.01 -16.68 19.29
CA MET B 221 33.73 -17.26 18.15
C MET B 221 34.70 -16.26 17.54
N PHE B 222 34.24 -15.01 17.41
CA PHE B 222 35.09 -13.90 16.95
C PHE B 222 36.23 -13.64 17.92
N TYR B 223 35.93 -13.72 19.22
CA TYR B 223 36.93 -13.55 20.28
C TYR B 223 37.98 -14.66 20.23
N ASN B 224 37.51 -15.90 20.04
CA ASN B 224 38.38 -17.06 19.97
C ASN B 224 39.31 -17.03 18.76
N PHE B 225 38.81 -16.51 17.64
CA PHE B 225 39.63 -16.38 16.44
C PHE B 225 40.69 -15.30 16.62
N ALA B 226 40.29 -14.14 17.14
CA ALA B 226 41.18 -12.99 17.27
C ALA B 226 42.24 -13.14 18.37
N TYR B 227 41.81 -13.50 19.58
CA TYR B 227 42.70 -13.49 20.74
C TYR B 227 43.44 -14.80 21.01
N ASN B 228 42.76 -15.93 20.80
CA ASN B 228 43.35 -17.24 21.06
C ASN B 228 44.10 -17.84 19.86
N ILE B 229 43.51 -17.70 18.67
CA ILE B 229 44.06 -18.29 17.44
C ILE B 229 45.05 -17.35 16.75
N CYS B 230 44.62 -16.12 16.48
CA CYS B 230 45.46 -15.11 15.82
C CYS B 230 46.47 -14.50 16.77
N LYS B 231 46.24 -14.70 18.08
CA LYS B 231 47.09 -14.15 19.15
C LYS B 231 47.28 -12.64 19.03
N CYS B 232 46.17 -11.90 19.00
CA CYS B 232 46.20 -10.45 18.95
C CYS B 232 46.53 -9.89 20.34
N LYS B 233 47.50 -8.97 20.38
CA LYS B 233 47.93 -8.35 21.63
C LYS B 233 48.40 -6.93 21.41
N PHE B 236 42.41 -2.29 19.71
CA PHE B 236 42.12 -0.87 19.55
C PHE B 236 40.67 -0.57 19.91
N ASP B 237 40.48 0.13 21.02
CA ASP B 237 39.15 0.51 21.48
C ASP B 237 38.59 1.69 20.68
N PRO B 238 37.49 1.46 19.94
CA PRO B 238 36.91 2.48 19.04
C PRO B 238 36.37 3.71 19.78
N ILE B 239 35.66 3.49 20.88
CA ILE B 239 35.09 4.57 21.67
C ILE B 239 36.17 5.43 22.33
N ARG B 240 37.33 4.82 22.59
CA ARG B 240 38.46 5.51 23.21
C ARG B 240 39.16 6.46 22.23
N TYR B 241 39.28 6.04 20.97
CA TYR B 241 39.94 6.84 19.92
C TYR B 241 39.25 8.19 19.69
N HIS B 242 37.91 8.18 19.78
CA HIS B 242 37.11 9.40 19.73
C HIS B 242 37.58 10.42 20.77
N GLU B 243 37.75 9.96 22.01
CA GLU B 243 38.16 10.81 23.12
C GLU B 243 39.60 11.30 22.97
N LEU B 244 40.45 10.44 22.43
CA LEU B 244 41.88 10.75 22.23
C LEU B 244 42.10 11.80 21.14
N GLU B 245 41.30 11.73 20.08
CA GLU B 245 41.39 12.68 18.95
C GLU B 245 40.94 14.10 19.34
N LEU B 246 40.05 14.19 20.33
CA LEU B 246 39.57 15.47 20.83
C LEU B 246 40.60 16.16 21.72
N LYS B 247 41.27 15.38 22.57
CA LYS B 247 42.33 15.90 23.46
C LYS B 247 43.55 16.41 22.68
N ASN B 248 43.84 15.78 21.54
CA ASN B 248 44.91 16.22 20.65
C ASN B 248 44.55 17.52 19.91
N ILE B 249 43.28 17.66 19.55
CA ILE B 249 42.77 18.88 18.89
C ILE B 249 42.68 20.06 19.85
N GLU B 250 42.61 19.77 21.14
CA GLU B 250 42.59 20.80 22.19
C GLU B 250 43.89 21.62 22.24
N LYS B 251 44.98 21.01 21.76
CA LYS B 251 46.29 21.68 21.67
C LYS B 251 46.34 22.72 20.54
N TYR B 252 45.28 22.78 19.74
CA TYR B 252 45.18 23.76 18.65
C TYR B 252 44.06 24.78 18.87
N LYS B 253 43.52 24.83 20.09
CA LYS B 253 42.42 25.74 20.45
C LYS B 253 42.81 27.22 20.42
N HIS B 254 44.08 27.51 20.71
CA HIS B 254 44.57 28.89 20.83
C HIS B 254 44.74 29.62 19.49
N ASP B 255 45.06 28.88 18.42
CA ASP B 255 45.38 29.49 17.13
C ASP B 255 44.45 29.08 15.99
N HIS B 256 43.91 27.86 16.06
CA HIS B 256 43.09 27.30 14.97
C HIS B 256 41.59 27.58 15.13
N TYR B 257 40.84 27.35 14.06
CA TYR B 257 39.38 27.46 14.06
C TYR B 257 38.74 26.14 13.62
N VAL B 258 37.44 26.00 13.87
CA VAL B 258 36.69 24.82 13.42
C VAL B 258 35.42 25.21 12.65
N ILE B 259 35.17 24.52 11.54
CA ILE B 259 33.92 24.68 10.78
C ILE B 259 33.22 23.33 10.60
N ALA B 260 31.89 23.35 10.66
CA ALA B 260 31.09 22.12 10.55
C ALA B 260 29.78 22.34 9.81
N ALA B 261 29.52 21.48 8.83
CA ALA B 261 28.24 21.49 8.14
C ALA B 261 27.17 20.89 9.04
N MET B 262 26.21 21.72 9.43
CA MET B 262 25.14 21.32 10.37
C MET B 262 23.87 20.95 9.62
N SER B 263 23.42 19.71 9.80
CA SER B 263 22.23 19.20 9.11
C SER B 263 21.02 19.07 10.03
N GLY B 264 21.27 18.75 11.29
CA GLY B 264 20.21 18.45 12.25
C GLY B 264 20.11 16.96 12.51
N GLY B 265 21.00 16.19 11.88
CA GLY B 265 21.10 14.75 12.09
C GLY B 265 21.95 14.40 13.29
N ILE B 266 21.77 13.19 13.80
CA ILE B 266 22.47 12.72 15.02
C ILE B 266 23.97 12.93 14.94
N ASP B 267 24.55 12.58 13.79
CA ASP B 267 26.00 12.57 13.59
C ASP B 267 26.65 13.95 13.70
N SER B 268 26.16 14.88 12.89
CA SER B 268 26.77 16.22 12.81
C SER B 268 26.55 17.09 14.04
N THR B 269 25.53 16.79 14.83
CA THR B 269 25.23 17.61 16.02
C THR B 269 26.08 17.24 17.23
N VAL B 270 26.23 15.93 17.50
CA VAL B 270 27.04 15.48 18.65
C VAL B 270 28.53 15.71 18.42
N ALA B 271 28.96 15.63 17.14
CA ALA B 271 30.31 15.99 16.76
C ALA B 271 30.56 17.46 17.07
N ALA B 272 29.59 18.31 16.71
CA ALA B 272 29.63 19.74 17.03
C ALA B 272 29.57 19.97 18.54
N ALA B 273 28.75 19.18 19.23
CA ALA B 273 28.59 19.28 20.68
C ALA B 273 29.91 19.08 21.44
N TYR B 274 30.73 18.13 20.98
CA TYR B 274 32.04 17.87 21.59
C TYR B 274 33.08 18.91 21.20
N THR B 275 33.12 19.25 19.91
CA THR B 275 34.14 20.13 19.36
C THR B 275 33.91 21.60 19.72
N HIS B 276 32.63 22.01 19.75
CA HIS B 276 32.27 23.38 20.11
C HIS B 276 32.55 23.66 21.59
N LYS B 277 32.38 22.65 22.43
CA LYS B 277 32.76 22.73 23.84
C LYS B 277 34.24 23.14 24.01
N ILE B 278 35.10 22.61 23.12
CA ILE B 278 36.53 22.90 23.15
C ILE B 278 36.87 24.26 22.52
N PHE B 279 36.41 24.47 21.29
CA PHE B 279 36.78 25.66 20.50
C PHE B 279 35.89 26.89 20.75
N LYS B 280 34.81 26.68 21.50
CA LYS B 280 33.87 27.77 21.87
C LYS B 280 33.56 28.76 20.73
N GLU B 281 34.04 30.00 20.83
CA GLU B 281 33.74 31.05 19.85
C GLU B 281 34.49 30.87 18.52
N ARG B 282 35.57 30.10 18.53
CA ARG B 282 36.31 29.79 17.30
C ARG B 282 35.55 28.79 16.42
N PHE B 283 34.59 28.09 17.00
CA PHE B 283 33.73 27.16 16.26
C PHE B 283 32.69 27.89 15.41
N PHE B 284 32.58 27.47 14.15
CA PHE B 284 31.58 28.03 13.23
C PHE B 284 30.75 26.93 12.55
N GLY B 285 29.54 26.71 13.06
CA GLY B 285 28.61 25.76 12.45
C GLY B 285 27.74 26.42 11.40
N ILE B 286 27.64 25.80 10.22
CA ILE B 286 26.80 26.34 9.14
C ILE B 286 25.66 25.39 8.72
N PHE B 287 24.46 25.95 8.59
CA PHE B 287 23.30 25.18 8.14
C PHE B 287 22.78 25.74 6.82
N ILE B 288 22.62 24.84 5.85
CA ILE B 288 22.17 25.22 4.52
C ILE B 288 20.80 24.61 4.21
N ASP B 289 19.82 25.47 4.00
CA ASP B 289 18.50 25.06 3.51
C ASP B 289 18.60 24.98 2.00
N ASN B 290 18.38 23.77 1.47
CA ASN B 290 18.47 23.53 0.03
C ASN B 290 17.10 23.46 -0.65
N GLY B 291 16.03 23.66 0.13
CA GLY B 291 14.66 23.56 -0.38
C GLY B 291 14.24 22.13 -0.67
N LEU B 292 14.96 21.19 -0.06
CA LEU B 292 14.68 19.76 -0.25
C LEU B 292 14.39 19.12 1.10
N LEU B 293 14.16 19.95 2.10
CA LEU B 293 13.86 19.50 3.46
C LEU B 293 12.36 19.38 3.66
N ARG B 294 11.96 18.84 4.81
CA ARG B 294 10.56 18.59 5.13
C ARG B 294 9.87 19.85 5.67
N LYS B 295 8.56 19.77 5.86
CA LYS B 295 7.75 20.91 6.29
C LYS B 295 8.32 21.57 7.56
N ASN B 296 8.66 22.86 7.42
CA ASN B 296 9.19 23.69 8.51
C ASN B 296 10.50 23.22 9.16
N GLU B 297 11.19 22.27 8.51
CA GLU B 297 12.40 21.65 9.08
C GLU B 297 13.56 22.63 9.27
N ALA B 298 13.74 23.53 8.31
CA ALA B 298 14.77 24.56 8.41
C ALA B 298 14.61 25.42 9.67
N GLU B 299 13.37 25.86 9.91
CA GLU B 299 13.03 26.64 11.11
C GLU B 299 13.22 25.79 12.38
N ASN B 300 12.77 24.54 12.32
CA ASN B 300 12.81 23.65 13.47
C ASN B 300 14.22 23.21 13.87
N VAL B 301 15.07 22.92 12.87
CA VAL B 301 16.47 22.55 13.11
C VAL B 301 17.26 23.73 13.71
N TYR B 302 17.17 24.90 13.07
CA TYR B 302 17.85 26.12 13.51
C TYR B 302 17.47 26.51 14.94
N THR B 303 16.17 26.47 15.25
CA THR B 303 15.68 26.78 16.60
C THR B 303 16.19 25.76 17.62
N PHE B 304 16.17 24.48 17.25
CA PHE B 304 16.65 23.41 18.12
C PHE B 304 18.13 23.57 18.47
N LEU B 305 18.94 23.85 17.45
CA LEU B 305 20.38 24.02 17.63
C LEU B 305 20.72 25.21 18.54
N LYS B 306 19.99 26.30 18.36
CA LYS B 306 20.16 27.49 19.19
C LYS B 306 19.73 27.25 20.64
N SER B 307 18.70 26.41 20.82
CA SER B 307 18.18 26.07 22.14
C SER B 307 19.07 25.09 22.90
N THR B 308 19.69 24.17 22.16
CA THR B 308 20.54 23.14 22.75
C THR B 308 21.98 23.62 22.97
N PHE B 309 22.49 24.40 22.03
CA PHE B 309 23.83 24.97 22.11
C PHE B 309 23.76 26.50 22.01
N PRO B 310 23.48 27.18 23.15
CA PRO B 310 23.22 28.63 23.17
C PRO B 310 24.42 29.48 22.78
N ASP B 311 25.62 28.98 23.09
CA ASP B 311 26.87 29.72 22.82
C ASP B 311 27.49 29.42 21.45
N MET B 312 26.80 28.60 20.64
CA MET B 312 27.29 28.19 19.32
C MET B 312 27.03 29.23 18.24
N ASN B 313 28.02 29.44 17.37
CA ASN B 313 27.88 30.31 16.20
C ASN B 313 27.30 29.55 15.02
N ILE B 314 26.01 29.75 14.77
CA ILE B 314 25.30 29.07 13.70
C ILE B 314 24.84 30.10 12.66
N THR B 315 25.18 29.84 11.40
CA THR B 315 24.72 30.68 10.30
C THR B 315 23.83 29.87 9.35
N LYS B 316 22.59 30.34 9.17
CA LYS B 316 21.63 29.72 8.26
C LYS B 316 21.59 30.49 6.93
N ILE B 317 21.75 29.76 5.84
CA ILE B 317 21.66 30.35 4.49
C ILE B 317 20.56 29.70 3.64
N ASP B 318 19.64 30.53 3.16
CA ASP B 318 18.52 30.08 2.33
C ASP B 318 18.96 29.95 0.87
N ALA B 319 19.24 28.71 0.47
CA ALA B 319 19.70 28.42 -0.90
C ALA B 319 18.63 27.69 -1.73
N SER B 320 17.41 27.64 -1.20
CA SER B 320 16.30 26.94 -1.85
C SER B 320 16.14 27.29 -3.34
N GLU B 321 16.10 28.59 -3.63
CA GLU B 321 15.92 29.10 -4.99
C GLU B 321 17.02 28.61 -5.94
N ASN B 322 18.26 28.61 -5.46
CA ASN B 322 19.40 28.12 -6.25
C ASN B 322 19.26 26.63 -6.59
N PHE B 323 19.05 25.79 -5.57
CA PHE B 323 18.93 24.34 -5.74
C PHE B 323 17.79 23.92 -6.67
N LEU B 324 16.65 24.58 -6.54
CA LEU B 324 15.46 24.26 -7.33
C LEU B 324 15.67 24.49 -8.83
N SER B 325 16.06 25.72 -9.18
CA SER B 325 16.30 26.13 -10.57
C SER B 325 17.31 25.24 -11.27
N ASN B 326 18.40 24.93 -10.58
CA ASN B 326 19.44 24.03 -11.08
C ASN B 326 18.93 22.62 -11.35
N LEU B 327 17.86 22.24 -10.65
CA LEU B 327 17.28 20.90 -10.77
C LEU B 327 16.07 20.82 -11.71
N GLN B 328 15.71 21.95 -12.33
CA GLN B 328 14.60 21.99 -13.28
C GLN B 328 14.84 21.07 -14.48
N GLY B 329 13.94 20.11 -14.67
CA GLY B 329 14.02 19.17 -15.79
C GLY B 329 14.76 17.87 -15.49
N VAL B 330 15.51 17.86 -14.39
CA VAL B 330 16.32 16.70 -14.00
C VAL B 330 15.44 15.57 -13.45
N THR B 331 15.62 14.37 -14.00
CA THR B 331 14.83 13.19 -13.59
C THR B 331 15.74 12.04 -13.16
N ASP B 332 16.88 11.90 -13.86
CA ASP B 332 17.88 10.87 -13.55
C ASP B 332 18.34 11.01 -12.10
N PRO B 333 18.11 9.96 -11.28
CA PRO B 333 18.41 10.00 -9.84
C PRO B 333 19.87 10.33 -9.51
N GLU B 334 20.80 9.73 -10.27
CA GLU B 334 22.24 10.00 -10.09
C GLU B 334 22.58 11.45 -10.43
N GLN B 335 21.97 11.96 -11.49
CA GLN B 335 22.16 13.35 -11.92
C GLN B 335 21.68 14.34 -10.84
N LYS B 336 20.56 14.01 -10.19
CA LYS B 336 20.02 14.80 -9.08
C LYS B 336 21.06 14.92 -7.96
N ARG B 337 21.56 13.78 -7.52
CA ARG B 337 22.55 13.71 -6.44
C ARG B 337 23.83 14.49 -6.76
N LYS B 338 24.34 14.30 -7.98
CA LYS B 338 25.57 14.97 -8.42
C LYS B 338 25.43 16.50 -8.43
N ILE B 339 24.27 16.98 -8.87
CA ILE B 339 23.97 18.42 -8.87
C ILE B 339 23.92 18.97 -7.45
N ILE B 340 23.15 18.31 -6.59
CA ILE B 340 22.97 18.73 -5.19
C ILE B 340 24.29 18.86 -4.42
N GLY B 341 25.17 17.87 -4.60
CA GLY B 341 26.50 17.87 -3.97
C GLY B 341 27.39 19.02 -4.39
N LYS B 342 27.40 19.32 -5.70
CA LYS B 342 28.18 20.43 -6.24
C LYS B 342 27.64 21.79 -5.81
N LEU B 343 26.31 21.88 -5.65
CA LEU B 343 25.68 23.11 -5.16
C LEU B 343 25.79 23.26 -3.65
N PHE B 344 25.92 22.14 -2.95
CA PHE B 344 26.16 22.17 -1.51
C PHE B 344 27.55 22.75 -1.22
N ILE B 345 28.57 22.17 -1.86
CA ILE B 345 29.96 22.62 -1.74
C ILE B 345 30.12 24.10 -2.11
N GLU B 346 29.52 24.51 -3.23
CA GLU B 346 29.54 25.91 -3.67
C GLU B 346 28.99 26.85 -2.58
N GLU B 347 27.75 26.61 -2.16
CA GLU B 347 27.09 27.42 -1.13
C GLU B 347 27.79 27.34 0.23
N PHE B 348 28.42 26.19 0.51
CA PHE B 348 29.14 25.95 1.76
C PHE B 348 30.36 26.85 1.88
N GLU B 349 31.25 26.80 0.88
CA GLU B 349 32.50 27.58 0.90
C GLU B 349 32.28 29.07 0.62
N LYS B 350 31.14 29.41 0.03
CA LYS B 350 30.74 30.82 -0.14
C LYS B 350 30.36 31.43 1.22
N ALA B 351 29.72 30.64 2.07
CA ALA B 351 29.32 31.07 3.42
C ALA B 351 30.53 31.23 4.34
N VAL B 352 31.53 30.36 4.16
CA VAL B 352 32.80 30.44 4.91
C VAL B 352 33.57 31.70 4.50
N ASN B 353 33.49 32.05 3.22
CA ASN B 353 34.12 33.28 2.70
C ASN B 353 33.59 34.54 3.36
N ASN B 354 32.32 34.51 3.79
CA ASN B 354 31.68 35.65 4.44
C ASN B 354 31.83 35.69 5.96
N ILE B 355 32.71 34.83 6.50
CA ILE B 355 33.05 34.86 7.94
C ILE B 355 34.57 34.84 8.19
N ASP B 356 35.01 35.61 9.18
CA ASP B 356 36.42 35.72 9.51
C ASP B 356 36.91 34.54 10.34
N ASP B 358 41.02 32.75 9.08
CA ASP B 358 42.25 32.31 8.43
C ASP B 358 42.13 30.88 7.93
N ILE B 359 41.99 30.73 6.61
CA ILE B 359 41.84 29.42 5.95
C ILE B 359 43.01 28.48 6.25
N ASN B 360 44.20 29.06 6.50
CA ASN B 360 45.39 28.29 6.83
C ASN B 360 45.31 27.58 8.19
N LYS B 361 44.42 28.07 9.05
CA LYS B 361 44.27 27.54 10.41
C LYS B 361 42.99 26.73 10.64
N THR B 362 41.95 27.00 9.86
CA THR B 362 40.64 26.37 10.04
C THR B 362 40.64 24.87 9.79
N PHE B 363 39.93 24.14 10.65
CA PHE B 363 39.75 22.68 10.51
C PHE B 363 38.29 22.36 10.23
N LEU B 364 38.07 21.38 9.35
CA LEU B 364 36.70 20.95 9.01
C LEU B 364 36.28 19.70 9.78
N LEU B 365 35.29 19.89 10.66
CA LEU B 365 34.75 18.79 11.47
C LEU B 365 33.67 18.03 10.69
N GLN B 366 33.80 16.71 10.65
CA GLN B 366 32.79 15.87 10.01
C GLN B 366 32.37 14.70 10.90
N GLY B 367 31.09 14.38 10.86
CA GLY B 367 30.53 13.27 11.63
C GLY B 367 30.58 11.95 10.87
N THR B 368 31.65 11.76 10.12
CA THR B 368 31.89 10.55 9.34
C THR B 368 32.02 9.35 10.27
N LEU B 369 31.22 8.33 10.00
CA LEU B 369 31.23 7.09 10.79
C LEU B 369 31.95 5.97 10.05
N TYR B 370 32.16 4.84 10.73
CA TYR B 370 32.89 3.70 10.16
C TYR B 370 32.24 3.10 8.90
N PRO B 371 30.88 2.94 8.89
CA PRO B 371 30.22 2.47 7.67
C PRO B 371 30.53 3.33 6.44
N ASP B 372 30.58 4.66 6.63
CA ASP B 372 30.91 5.60 5.56
C ASP B 372 32.34 5.38 5.05
N ILE B 373 33.26 5.17 5.98
CA ILE B 373 34.68 4.96 5.65
C ILE B 373 34.91 3.60 4.97
N ILE B 374 34.15 2.59 5.39
CA ILE B 374 34.27 1.24 4.85
C ILE B 374 33.81 1.16 3.39
N GLU B 375 32.69 1.82 3.10
CA GLU B 375 32.09 1.81 1.75
C GLU B 375 32.99 2.39 0.67
N SER B 376 33.77 3.40 1.04
CA SER B 376 34.70 4.09 0.11
C SER B 376 35.81 3.16 -0.39
N LYS B 377 36.28 2.27 0.48
CA LYS B 377 37.36 1.34 0.14
C LYS B 377 36.88 -0.10 0.12
N LYS B 400 40.14 24.18 0.76
CA LYS B 400 40.47 22.94 1.46
C LYS B 400 40.86 23.21 2.92
N PHE B 401 40.51 22.27 3.80
CA PHE B 401 40.73 22.43 5.24
C PHE B 401 41.37 21.16 5.82
N LYS B 402 41.89 21.27 7.06
CA LYS B 402 42.40 20.12 7.78
C LYS B 402 41.24 19.27 8.30
N LEU B 403 41.02 18.12 7.67
CA LEU B 403 39.87 17.26 7.98
C LEU B 403 39.98 16.59 9.35
N PHE B 404 38.94 16.79 10.16
CA PHE B 404 38.87 16.23 11.50
C PHE B 404 37.61 15.38 11.66
N GLU B 405 37.80 14.06 11.69
CA GLU B 405 36.70 13.11 11.82
C GLU B 405 36.95 12.15 12.99
N PRO B 406 36.47 12.52 14.20
CA PRO B 406 36.71 11.73 15.42
C PRO B 406 35.90 10.46 15.50
N PHE B 407 34.78 10.41 14.77
CA PHE B 407 33.88 9.24 14.81
C PHE B 407 34.20 8.20 13.74
N LYS B 408 35.39 8.32 13.15
CA LYS B 408 35.82 7.48 12.01
C LYS B 408 35.69 5.96 12.20
N TYR B 409 35.76 5.49 13.45
CA TYR B 409 35.67 4.05 13.75
C TYR B 409 34.40 3.65 14.50
N LEU B 410 33.41 4.54 14.52
CA LEU B 410 32.19 4.31 15.28
C LEU B 410 30.95 4.03 14.41
N PHE B 411 29.98 3.34 14.99
CA PHE B 411 28.69 3.06 14.35
C PHE B 411 27.61 3.99 14.93
N LYS B 412 26.42 4.00 14.31
CA LYS B 412 25.30 4.81 14.79
C LYS B 412 24.85 4.41 16.19
N ASP B 413 24.98 3.12 16.51
CA ASP B 413 24.66 2.60 17.84
C ASP B 413 25.54 3.24 18.93
N ASP B 414 26.78 3.55 18.56
CA ASP B 414 27.75 4.14 19.48
C ASP B 414 27.55 5.64 19.66
N VAL B 415 27.22 6.32 18.57
CA VAL B 415 26.96 7.77 18.57
C VAL B 415 25.72 8.12 19.39
N LYS B 416 24.71 7.24 19.33
CA LYS B 416 23.47 7.40 20.10
C LYS B 416 23.72 7.43 21.61
N THR B 417 24.59 6.54 22.09
CA THR B 417 24.97 6.51 23.50
C THR B 417 25.84 7.71 23.89
N LEU B 418 26.61 8.21 22.93
CA LEU B 418 27.40 9.43 23.13
C LEU B 418 26.49 10.65 23.26
N SER B 419 25.35 10.62 22.57
CA SER B 419 24.34 11.69 22.66
C SER B 419 23.72 11.71 24.05
N ARG B 420 23.48 10.53 24.63
CA ARG B 420 22.92 10.39 25.95
C ARG B 420 23.93 10.84 27.02
N GLU B 421 25.20 10.50 26.81
CA GLU B 421 26.29 10.89 27.73
C GLU B 421 26.51 12.40 27.77
N LEU B 422 25.91 13.11 26.81
CA LEU B 422 25.93 14.58 26.82
C LEU B 422 24.66 15.17 27.42
N ASN B 423 23.72 14.29 27.79
CA ASN B 423 22.43 14.70 28.35
C ASN B 423 21.57 15.44 27.31
N LEU B 424 21.81 15.15 26.03
CA LEU B 424 21.09 15.80 24.93
C LEU B 424 19.65 15.32 24.82
N PRO B 425 18.76 16.17 24.26
CA PRO B 425 17.32 15.83 24.13
C PRO B 425 17.09 14.50 23.43
N GLU B 426 16.05 13.78 23.86
CA GLU B 426 15.66 12.49 23.28
C GLU B 426 15.26 12.62 21.80
N GLU B 427 14.97 13.85 21.37
CA GLU B 427 14.55 14.12 19.99
C GLU B 427 15.60 13.72 18.94
N ILE B 428 16.87 14.07 19.18
CA ILE B 428 17.96 13.76 18.22
C ILE B 428 18.48 12.34 18.26
N THR B 429 18.58 11.76 19.46
CA THR B 429 19.03 10.37 19.60
C THR B 429 18.05 9.37 18.96
N ASN B 430 16.79 9.79 18.79
CA ASN B 430 15.75 8.92 18.23
C ASN B 430 15.34 9.26 16.80
N ARG B 431 15.72 10.44 16.31
CA ARG B 431 15.26 10.90 14.99
C ARG B 431 15.83 10.06 13.84
N HIS B 432 14.95 9.72 12.89
CA HIS B 432 15.32 8.92 11.73
C HIS B 432 16.32 9.67 10.87
N PRO B 433 17.29 8.92 10.27
CA PRO B 433 18.23 9.54 9.34
C PRO B 433 17.52 10.19 8.17
N PHE B 434 18.10 11.27 7.67
CA PHE B 434 17.57 11.98 6.52
C PHE B 434 18.68 12.17 5.49
N PRO B 435 18.47 11.66 4.25
CA PRO B 435 19.50 11.70 3.20
C PRO B 435 19.89 13.13 2.80
N GLY B 436 21.14 13.29 2.33
CA GLY B 436 21.66 14.59 1.91
C GLY B 436 20.88 15.32 0.82
N PRO B 437 20.51 14.61 -0.27
CA PRO B 437 19.69 15.18 -1.34
C PRO B 437 18.22 15.44 -0.94
N GLY B 438 17.81 14.97 0.23
CA GLY B 438 16.48 15.26 0.78
C GLY B 438 15.31 14.69 -0.01
N LEU B 439 14.30 15.52 -0.25
CA LEU B 439 13.07 15.09 -0.93
C LEU B 439 13.25 14.91 -2.45
N ALA B 440 14.36 15.39 -2.98
CA ALA B 440 14.67 15.26 -4.42
C ALA B 440 14.64 13.81 -4.88
N ILE B 441 15.19 12.92 -4.06
CA ILE B 441 15.18 11.47 -4.36
C ILE B 441 13.90 10.78 -3.85
N ARG B 442 12.99 11.58 -3.27
CA ARG B 442 11.71 11.07 -2.78
C ARG B 442 10.56 11.58 -3.66
N VAL B 443 10.92 12.44 -4.61
CA VAL B 443 10.02 12.82 -5.68
C VAL B 443 10.53 12.16 -6.96
N ILE B 444 9.75 11.22 -7.50
CA ILE B 444 10.10 10.55 -8.75
C ILE B 444 9.83 11.47 -9.95
N GLY B 445 10.86 11.67 -10.78
CA GLY B 445 10.75 12.53 -11.94
C GLY B 445 11.13 13.97 -11.65
N GLU B 446 10.63 14.88 -12.49
CA GLU B 446 10.91 16.31 -12.37
C GLU B 446 10.53 16.83 -10.99
N ILE B 447 11.44 17.59 -10.39
CA ILE B 447 11.18 18.20 -9.09
C ILE B 447 10.74 19.66 -9.27
N ASN B 448 9.64 20.01 -8.63
CA ASN B 448 9.15 21.40 -8.60
C ASN B 448 8.44 21.72 -7.29
N LYS B 449 8.07 22.98 -7.10
CA LYS B 449 7.45 23.44 -5.85
C LYS B 449 6.13 22.72 -5.57
N HIS B 450 5.29 22.60 -6.61
CA HIS B 450 3.99 21.93 -6.51
C HIS B 450 4.11 20.52 -5.92
N LYS B 451 5.03 19.74 -6.46
CA LYS B 451 5.28 18.38 -5.99
C LYS B 451 5.84 18.35 -4.55
N LEU B 452 6.82 19.22 -4.28
CA LEU B 452 7.44 19.31 -2.95
C LEU B 452 6.43 19.66 -1.86
N ASN B 453 5.55 20.62 -2.16
CA ASN B 453 4.52 21.04 -1.22
C ASN B 453 3.61 19.90 -0.79
N ILE B 454 3.20 19.09 -1.76
CA ILE B 454 2.33 17.92 -1.51
C ILE B 454 3.06 16.87 -0.68
N LEU B 455 4.30 16.55 -1.07
CA LEU B 455 5.11 15.56 -0.36
C LEU B 455 5.42 16.00 1.07
N ARG B 456 5.65 17.29 1.27
CA ARG B 456 5.86 17.84 2.60
C ARG B 456 4.64 17.64 3.50
N GLU B 457 3.45 17.80 2.91
CA GLU B 457 2.19 17.66 3.64
C GLU B 457 1.93 16.22 4.07
N VAL B 458 2.07 15.28 3.13
CA VAL B 458 1.89 13.86 3.40
C VAL B 458 2.91 13.34 4.42
N ASP B 459 4.18 13.65 4.18
CA ASP B 459 5.26 13.24 5.08
C ASP B 459 5.03 13.74 6.51
N ASP B 460 4.60 14.99 6.64
CA ASP B 460 4.34 15.61 7.94
C ASP B 460 3.20 14.91 8.68
N ILE B 461 2.16 14.54 7.95
CA ILE B 461 1.03 13.81 8.53
C ILE B 461 1.49 12.41 8.97
N PHE B 462 2.18 11.71 8.06
CA PHE B 462 2.70 10.37 8.30
C PHE B 462 3.57 10.31 9.56
N ILE B 463 4.61 11.14 9.62
CA ILE B 463 5.55 11.16 10.74
C ILE B 463 4.86 11.52 12.07
N ASN B 464 4.09 12.62 12.07
CA ASN B 464 3.41 13.10 13.28
C ASN B 464 2.48 12.05 13.88
N ASP B 465 1.79 11.31 13.01
CA ASP B 465 0.91 10.22 13.44
C ASP B 465 1.70 9.01 13.97
N LEU B 466 2.85 8.74 13.36
CA LEU B 466 3.75 7.67 13.83
C LEU B 466 4.31 7.97 15.21
N LYS B 467 4.46 9.26 15.53
CA LYS B 467 4.87 9.70 16.86
C LYS B 467 3.69 9.65 17.82
N GLN B 468 2.53 10.11 17.35
CA GLN B 468 1.29 10.13 18.14
C GLN B 468 0.92 8.73 18.63
N TYR B 469 1.00 7.74 17.74
CA TYR B 469 0.63 6.36 18.06
C TYR B 469 1.80 5.51 18.57
N GLY B 470 2.88 6.18 18.98
CA GLY B 470 4.02 5.51 19.62
C GLY B 470 4.76 4.49 18.78
N LEU B 471 4.75 4.69 17.46
CA LEU B 471 5.42 3.79 16.53
C LEU B 471 6.79 4.32 16.07
N TYR B 472 6.93 5.65 16.06
CA TYR B 472 8.15 6.32 15.55
C TYR B 472 9.46 5.74 16.10
N ASN B 473 9.53 5.52 17.41
CA ASN B 473 10.76 5.10 18.08
C ASN B 473 11.20 3.66 17.80
N GLN B 474 10.24 2.78 17.52
CA GLN B 474 10.59 1.39 17.16
C GLN B 474 10.88 1.21 15.66
N ILE B 475 10.58 2.25 14.88
CA ILE B 475 10.88 2.30 13.44
C ILE B 475 12.27 2.92 13.22
N SER B 476 13.09 2.27 12.40
CA SER B 476 14.43 2.77 12.06
C SER B 476 14.39 4.00 11.16
N GLN B 477 13.49 3.99 10.16
CA GLN B 477 13.38 5.06 9.17
C GLN B 477 12.02 5.04 8.47
N ALA B 478 11.37 6.20 8.44
CA ALA B 478 10.05 6.32 7.82
C ALA B 478 9.90 7.64 7.08
N PHE B 479 9.19 7.59 5.94
CA PHE B 479 9.02 8.75 5.08
C PHE B 479 7.99 8.50 3.97
N ALA B 480 7.53 9.59 3.36
CA ALA B 480 6.61 9.52 2.23
C ALA B 480 7.37 9.74 0.93
N VAL B 481 6.84 9.15 -0.15
CA VAL B 481 7.42 9.28 -1.48
C VAL B 481 6.33 9.64 -2.49
N LEU B 482 6.61 10.63 -3.34
CA LEU B 482 5.69 11.02 -4.40
C LEU B 482 6.13 10.40 -5.71
N LEU B 483 5.17 9.86 -6.46
CA LEU B 483 5.44 9.23 -7.75
C LEU B 483 4.98 10.10 -8.92
N SER B 484 5.64 9.91 -10.06
CA SER B 484 5.26 10.60 -11.29
C SER B 484 3.98 10.01 -11.92
N SER B 485 3.71 8.73 -11.59
CA SER B 485 2.49 8.04 -12.04
C SER B 485 1.23 8.66 -11.41
N LYS B 486 0.14 8.68 -12.19
CA LYS B 486 -1.11 9.32 -11.76
C LYS B 486 -2.28 8.34 -11.71
N SER B 487 -3.29 8.65 -10.89
CA SER B 487 -4.45 7.78 -10.69
C SER B 487 -5.77 8.56 -10.56
N VAL B 488 -6.87 7.90 -10.94
CA VAL B 488 -8.22 8.51 -10.95
C VAL B 488 -8.78 8.68 -9.52
N GLY B 489 -9.77 9.57 -9.39
CA GLY B 489 -10.44 9.81 -8.11
C GLY B 489 -11.92 9.46 -8.17
N TYR B 497 -7.54 13.25 -11.94
CA TYR B 497 -6.27 12.52 -11.99
C TYR B 497 -5.20 13.24 -11.19
N ASP B 498 -4.85 12.66 -10.03
CA ASP B 498 -3.91 13.28 -9.10
C ASP B 498 -2.67 12.41 -8.83
N TYR B 499 -1.73 12.95 -8.05
CA TYR B 499 -0.49 12.24 -7.70
C TYR B 499 -0.71 11.05 -6.78
N VAL B 500 0.22 10.10 -6.85
CA VAL B 500 0.17 8.88 -6.05
C VAL B 500 1.32 8.88 -5.05
N CYS B 501 0.98 8.73 -3.78
CA CYS B 501 1.97 8.70 -2.71
C CYS B 501 2.23 7.29 -2.19
N VAL B 502 3.46 7.06 -1.74
CA VAL B 502 3.85 5.78 -1.15
C VAL B 502 4.39 6.02 0.25
N LEU B 503 3.94 5.23 1.21
CA LEU B 503 4.49 5.28 2.57
C LEU B 503 5.60 4.25 2.71
N ARG B 504 6.72 4.69 3.25
CA ARG B 504 7.87 3.82 3.44
C ARG B 504 8.28 3.82 4.90
N ALA B 505 8.39 2.62 5.48
CA ALA B 505 8.83 2.43 6.87
C ALA B 505 9.58 1.12 7.02
N VAL B 506 10.79 1.19 7.56
CA VAL B 506 11.66 0.01 7.68
C VAL B 506 12.31 -0.14 9.07
N LYS B 507 12.72 -1.38 9.37
CA LYS B 507 13.60 -1.69 10.51
C LYS B 507 14.95 -2.12 9.96
N THR B 508 16.00 -1.39 10.34
CA THR B 508 17.31 -1.56 9.71
C THR B 508 18.34 -2.19 10.63
N SER B 509 18.86 -3.36 10.21
CA SER B 509 19.96 -4.03 10.91
C SER B 509 21.26 -3.30 10.63
N SER B 510 21.61 -3.20 9.35
CA SER B 510 22.84 -2.58 8.87
C SER B 510 22.62 -1.83 7.57
N PHE B 511 23.68 -1.20 7.05
CA PHE B 511 23.59 -0.40 5.82
C PHE B 511 23.00 -1.16 4.62
N MET B 512 23.27 -2.46 4.55
CA MET B 512 22.85 -3.28 3.41
C MET B 512 21.67 -4.24 3.71
N THR B 513 21.06 -4.10 4.89
CA THR B 513 19.97 -4.99 5.29
C THR B 513 18.86 -4.24 6.04
N ALA B 514 17.65 -4.27 5.47
CA ALA B 514 16.47 -3.65 6.10
C ALA B 514 15.19 -4.41 5.74
N ASN B 515 14.28 -4.52 6.70
CA ASN B 515 12.98 -5.16 6.50
C ASN B 515 11.85 -4.15 6.62
N TRP B 516 10.82 -4.31 5.78
CA TRP B 516 9.67 -3.40 5.82
C TRP B 516 8.87 -3.57 7.11
N TYR B 517 8.52 -2.44 7.72
CA TYR B 517 7.83 -2.43 9.00
C TYR B 517 6.34 -2.72 8.82
N GLN B 518 5.80 -3.54 9.71
CA GLN B 518 4.41 -3.95 9.62
C GLN B 518 3.53 -3.11 10.54
N ILE B 519 3.08 -1.96 10.03
CA ILE B 519 2.22 -1.05 10.79
C ILE B 519 0.88 -1.72 11.06
N PRO B 520 0.47 -1.79 12.35
CA PRO B 520 -0.85 -2.33 12.68
C PRO B 520 -1.92 -1.74 11.78
N TYR B 521 -2.73 -2.60 11.16
CA TYR B 521 -3.71 -2.17 10.15
C TYR B 521 -4.67 -1.09 10.64
N ASP B 522 -5.04 -1.14 11.91
CA ASP B 522 -5.93 -0.14 12.50
C ASP B 522 -5.30 1.26 12.43
N ILE B 523 -4.00 1.33 12.73
CA ILE B 523 -3.27 2.60 12.70
C ILE B 523 -3.01 3.06 11.25
N LEU B 524 -2.58 2.14 10.40
CA LEU B 524 -2.33 2.44 8.98
C LEU B 524 -3.55 3.03 8.29
N ASP B 525 -4.73 2.52 8.63
CA ASP B 525 -5.98 3.01 8.06
C ASP B 525 -6.34 4.40 8.60
N LYS B 526 -5.89 4.72 9.81
CA LYS B 526 -6.11 6.06 10.38
C LYS B 526 -5.23 7.11 9.72
N ILE B 527 -3.96 6.76 9.46
CA ILE B 527 -3.01 7.64 8.80
C ILE B 527 -3.45 7.92 7.35
N THR B 528 -3.79 6.85 6.64
CA THR B 528 -4.20 6.94 5.24
C THR B 528 -5.47 7.78 5.04
N THR B 529 -6.45 7.60 5.93
CA THR B 529 -7.71 8.35 5.88
C THR B 529 -7.48 9.84 6.12
N ARG B 530 -6.56 10.15 7.03
CA ARG B 530 -6.21 11.53 7.34
C ARG B 530 -5.54 12.21 6.13
N ILE B 531 -4.61 11.50 5.48
CA ILE B 531 -3.88 12.01 4.30
C ILE B 531 -4.82 12.30 3.14
N LEU B 532 -5.66 11.33 2.78
CA LEU B 532 -6.57 11.44 1.62
C LEU B 532 -7.61 12.55 1.78
N SER B 533 -7.95 12.88 3.04
CA SER B 533 -8.93 13.92 3.33
C SER B 533 -8.30 15.33 3.40
N GLU B 534 -7.10 15.42 3.98
CA GLU B 534 -6.44 16.72 4.19
C GLU B 534 -5.64 17.25 3.00
N VAL B 535 -4.87 16.39 2.34
CA VAL B 535 -3.96 16.82 1.28
C VAL B 535 -4.61 16.80 -0.11
N LYS B 536 -4.65 17.96 -0.75
CA LYS B 536 -5.14 18.11 -2.12
C LYS B 536 -4.02 17.79 -3.10
N GLY B 537 -4.36 17.09 -4.18
CA GLY B 537 -3.37 16.68 -5.18
C GLY B 537 -2.99 15.22 -5.06
N VAL B 538 -3.57 14.53 -4.08
CA VAL B 538 -3.33 13.11 -3.86
C VAL B 538 -4.63 12.35 -3.55
N ASN B 539 -4.93 11.36 -4.39
CA ASN B 539 -6.15 10.54 -4.25
C ASN B 539 -5.87 9.05 -4.03
N ARG B 540 -4.60 8.70 -3.94
CA ARG B 540 -4.21 7.32 -3.71
C ARG B 540 -2.88 7.24 -2.97
N ILE B 541 -2.86 6.46 -1.89
CA ILE B 541 -1.63 6.17 -1.17
C ILE B 541 -1.41 4.67 -1.09
N LEU B 542 -0.15 4.28 -1.25
CA LEU B 542 0.26 2.88 -1.24
C LEU B 542 1.27 2.67 -0.11
N TYR B 543 1.48 1.41 0.27
CA TYR B 543 2.48 1.08 1.29
C TYR B 543 3.55 0.14 0.74
N ASP B 544 4.81 0.48 1.02
CA ASP B 544 5.94 -0.27 0.50
C ASP B 544 6.18 -1.54 1.33
N VAL B 545 5.95 -2.69 0.71
CA VAL B 545 6.11 -3.98 1.40
C VAL B 545 7.33 -4.75 0.89
N SER B 546 8.38 -4.01 0.55
CA SER B 546 9.61 -4.58 0.00
C SER B 546 10.77 -4.47 0.99
N SER B 547 11.58 -5.53 1.05
CA SER B 547 12.71 -5.59 1.98
C SER B 547 14.04 -5.40 1.27
N LYS B 548 15.07 -5.05 2.03
CA LYS B 548 16.44 -4.95 1.52
C LYS B 548 17.29 -6.09 2.09
N PRO B 549 17.80 -6.98 1.21
CA PRO B 549 17.59 -7.05 -0.25
C PRO B 549 16.24 -7.70 -0.57
N PRO B 550 15.79 -7.62 -1.85
CA PRO B 550 16.48 -7.08 -3.04
C PRO B 550 16.31 -5.57 -3.27
N ALA B 551 15.22 -5.00 -2.75
CA ALA B 551 14.94 -3.58 -2.91
C ALA B 551 15.88 -2.72 -2.07
N THR B 552 15.81 -1.41 -2.26
CA THR B 552 16.54 -0.46 -1.42
C THR B 552 15.56 0.27 -0.51
N ILE B 553 16.08 1.03 0.47
CA ILE B 553 15.23 1.80 1.37
C ILE B 553 14.56 2.96 0.62
N GLU B 554 15.36 3.75 -0.10
CA GLU B 554 14.84 4.84 -0.92
C GLU B 554 14.43 4.30 -2.28
N PHE B 555 13.56 5.04 -2.97
CA PHE B 555 13.11 4.67 -4.30
C PHE B 555 14.18 4.93 -5.36
N GLU B 556 14.76 6.13 -5.32
CA GLU B 556 15.75 6.55 -6.32
C GLU B 556 17.17 6.24 -5.89
#